data_3TI5
#
_entry.id   3TI5
#
_cell.length_a   118.447
_cell.length_b   136.960
_cell.length_c   118.466
_cell.angle_alpha   90.00
_cell.angle_beta   90.00
_cell.angle_gamma   90.00
#
_symmetry.space_group_name_H-M   'C 2 2 21'
#
loop_
_entity.id
_entity.type
_entity.pdbx_description
1 polymer Neuraminidase
2 branched beta-D-mannopyranose-(1-4)-2-acetamido-2-deoxy-beta-D-glucopyranose-(1-4)-2-acetamido-2-deoxy-beta-D-glucopyranose
3 non-polymer 2-acetamido-2-deoxy-beta-D-glucopyranose
4 non-polymer 'CALCIUM ION'
5 non-polymer ZANAMIVIR
6 non-polymer GLYCEROL
7 non-polymer 'ACETATE ION'
8 water water
#
_entity_poly.entity_id   1
_entity_poly.type   'polypeptide(L)'
_entity_poly.pdbx_seq_one_letter_code
;SVKLAGNSSLCPVSGWAIYSKDNSVRIGSKGDVFVIREPFISCSPLECRTFFLTQGALLNDKHSNGTIKDRSPYRTLMSC
PIGEVPSPYNSRFESVAWSASACHDGINWLTIGISGPDNGAVAVLKYNGIITDTIKSWRNNILRTQESECACVNGSCFTV
MTDGPSNGQASYKIFRIEKGKIVKSVEMNAPNYHYEECSCYPDSSEITCVCRDNWHGSNRPWVSFNQNLEYQIGYICSGI
FGDNPRPNDKTGSCGPVSSNGANGVKGFSFKYGNGVWIGRTKSISSRNGFEMIWDPNGWTGTDNNFSIKQDIVGINEWSG
YSGSFVQHPELTGLDCIRPCFWVELIRGRPKENTIWTSGSSISFCGVNSDTVGWSWPDGAELPFTIDK
;
_entity_poly.pdbx_strand_id   A,B
#
# COMPACT_ATOMS: atom_id res chain seq x y z
N SER A 1 -0.83 21.32 -15.62
CA SER A 1 -1.24 19.93 -15.83
C SER A 1 -2.51 19.85 -16.67
N VAL A 2 -2.46 19.01 -17.70
CA VAL A 2 -3.62 18.82 -18.59
C VAL A 2 -3.84 17.33 -18.82
N LYS A 3 -5.11 16.92 -18.83
CA LYS A 3 -5.44 15.51 -19.01
C LYS A 3 -5.11 15.03 -20.43
N LEU A 4 -4.71 13.77 -20.54
CA LEU A 4 -4.36 13.18 -21.83
C LEU A 4 -5.58 13.11 -22.74
N ALA A 5 -5.39 13.46 -24.00
CA ALA A 5 -6.46 13.44 -24.97
C ALA A 5 -6.81 12.01 -25.36
N GLY A 6 -5.80 11.25 -25.76
CA GLY A 6 -5.99 9.87 -26.15
C GLY A 6 -6.83 9.70 -27.40
N ASN A 7 -6.84 10.72 -28.25
CA ASN A 7 -7.70 10.71 -29.43
C ASN A 7 -6.98 10.45 -30.76
N SER A 8 -5.65 10.32 -30.70
CA SER A 8 -4.87 10.02 -31.89
C SER A 8 -4.72 8.52 -32.09
N SER A 9 -4.25 8.11 -33.27
CA SER A 9 -4.07 6.69 -33.59
C SER A 9 -2.72 6.19 -33.11
N LEU A 10 -2.56 4.86 -33.12
CA LEU A 10 -1.27 4.26 -32.80
C LEU A 10 -0.24 4.62 -33.87
N CYS A 11 0.98 4.89 -33.44
CA CYS A 11 2.07 5.13 -34.39
C CYS A 11 2.41 3.82 -35.08
N PRO A 12 2.37 3.81 -36.42
CA PRO A 12 2.85 2.62 -37.13
C PRO A 12 4.32 2.39 -36.80
N VAL A 13 4.71 1.14 -36.62
CA VAL A 13 6.09 0.82 -36.26
C VAL A 13 6.62 -0.32 -37.13
N SER A 14 7.92 -0.26 -37.44
CA SER A 14 8.54 -1.28 -38.26
C SER A 14 9.42 -2.21 -37.43
N GLY A 15 9.73 -1.77 -36.21
CA GLY A 15 10.62 -2.52 -35.35
C GLY A 15 10.68 -1.97 -33.94
N TRP A 16 11.41 -2.64 -33.06
CA TRP A 16 11.42 -2.28 -31.65
C TRP A 16 12.83 -1.99 -31.13
N ALA A 17 13.01 -0.79 -30.60
CA ALA A 17 14.29 -0.37 -30.04
C ALA A 17 14.29 -0.55 -28.53
N ILE A 18 15.36 -1.09 -27.98
CA ILE A 18 15.40 -1.36 -26.55
C ILE A 18 15.38 -0.05 -25.76
N TYR A 19 14.60 -0.04 -24.69
CA TYR A 19 14.30 1.16 -23.94
C TYR A 19 14.89 1.10 -22.54
N SER A 20 14.75 -0.05 -21.88
CA SER A 20 15.29 -0.21 -20.53
C SER A 20 15.67 -1.65 -20.19
N LYS A 21 16.54 -1.79 -19.19
CA LYS A 21 16.88 -3.06 -18.60
C LYS A 21 17.39 -2.81 -17.20
N ASP A 22 16.77 -3.44 -16.20
CA ASP A 22 17.11 -3.13 -14.80
C ASP A 22 18.13 -4.08 -14.15
N ASN A 23 18.31 -5.26 -14.72
CA ASN A 23 19.27 -6.21 -14.17
C ASN A 23 19.02 -6.51 -12.70
N SER A 24 17.74 -6.54 -12.32
CA SER A 24 17.36 -6.63 -10.92
C SER A 24 17.91 -7.84 -10.18
N VAL A 25 17.85 -9.01 -10.80
CA VAL A 25 18.26 -10.24 -10.14
C VAL A 25 19.77 -10.31 -9.97
N ARG A 26 20.51 -9.91 -11.01
CA ARG A 26 21.96 -9.86 -10.94
C ARG A 26 22.42 -8.96 -9.80
N ILE A 27 21.83 -7.78 -9.71
CA ILE A 27 22.19 -6.80 -8.69
C ILE A 27 21.73 -7.24 -7.30
N GLY A 28 20.59 -7.92 -7.24
CA GLY A 28 20.03 -8.37 -5.99
C GLY A 28 20.85 -9.45 -5.29
N SER A 29 21.84 -9.99 -6.02
CA SER A 29 22.73 -11.00 -5.46
C SER A 29 23.47 -10.42 -4.26
N LYS A 30 23.79 -9.13 -4.34
CA LYS A 30 24.46 -8.44 -3.24
C LYS A 30 23.64 -7.26 -2.74
N GLY A 31 23.07 -6.49 -3.66
CA GLY A 31 22.33 -5.29 -3.31
C GLY A 31 21.02 -5.57 -2.63
N ASP A 32 20.40 -4.54 -2.08
CA ASP A 32 19.10 -4.68 -1.44
C ASP A 32 17.98 -4.45 -2.44
N VAL A 33 17.57 -5.53 -3.09
CA VAL A 33 16.55 -5.48 -4.14
C VAL A 33 15.36 -6.34 -3.75
N PHE A 34 14.16 -5.79 -3.92
CA PHE A 34 12.93 -6.53 -3.60
C PHE A 34 12.82 -7.81 -4.42
N VAL A 35 12.31 -8.86 -3.79
CA VAL A 35 11.79 -9.99 -4.55
C VAL A 35 10.48 -9.51 -5.16
N ILE A 36 10.35 -9.60 -6.47
CA ILE A 36 9.14 -9.13 -7.12
C ILE A 36 8.68 -10.08 -8.22
N ARG A 37 7.45 -9.86 -8.66
CA ARG A 37 6.95 -10.45 -9.88
C ARG A 37 5.84 -9.55 -10.41
N GLU A 38 5.33 -9.87 -11.59
CA GLU A 38 4.26 -9.07 -12.17
C GLU A 38 4.63 -7.59 -12.25
N PRO A 39 5.80 -7.29 -12.83
CA PRO A 39 6.18 -5.90 -13.02
C PRO A 39 5.43 -5.33 -14.22
N PHE A 40 5.31 -4.01 -14.30
CA PHE A 40 4.81 -3.38 -15.51
C PHE A 40 5.23 -1.93 -15.57
N ILE A 41 5.20 -1.36 -16.77
CA ILE A 41 5.60 0.02 -16.96
C ILE A 41 4.40 0.90 -17.27
N SER A 42 4.44 2.14 -16.79
CA SER A 42 3.41 3.12 -17.10
C SER A 42 4.05 4.50 -17.03
N CYS A 43 3.60 5.42 -17.88
CA CYS A 43 4.22 6.75 -17.97
C CYS A 43 3.23 7.87 -17.66
N SER A 44 3.76 8.97 -17.13
CA SER A 44 3.01 10.20 -16.99
C SER A 44 3.49 11.15 -18.07
N PRO A 45 2.96 12.38 -18.10
CA PRO A 45 3.46 13.36 -19.06
C PRO A 45 4.91 13.74 -18.78
N LEU A 46 5.44 13.31 -17.64
CA LEU A 46 6.78 13.71 -17.23
C LEU A 46 7.79 12.56 -17.18
N GLU A 47 7.35 11.40 -16.69
CA GLU A 47 8.29 10.28 -16.51
C GLU A 47 7.61 8.92 -16.69
N CYS A 48 8.43 7.91 -16.92
CA CYS A 48 7.96 6.54 -16.96
C CYS A 48 8.46 5.81 -15.73
N ARG A 49 7.61 4.96 -15.16
CA ARG A 49 7.94 4.27 -13.93
C ARG A 49 7.69 2.78 -14.07
N THR A 50 8.46 1.98 -13.34
CA THR A 50 8.22 0.55 -13.27
C THR A 50 7.41 0.25 -12.02
N PHE A 51 6.22 -0.31 -12.21
CA PHE A 51 5.41 -0.79 -11.08
C PHE A 51 5.68 -2.27 -10.90
N PHE A 52 5.49 -2.77 -9.69
CA PHE A 52 5.77 -4.17 -9.40
C PHE A 52 5.12 -4.63 -8.10
N LEU A 53 4.87 -5.92 -8.01
CA LEU A 53 4.34 -6.52 -6.78
C LEU A 53 5.47 -7.16 -6.00
N THR A 54 5.85 -6.53 -4.90
CA THR A 54 6.89 -7.10 -4.04
C THR A 54 6.33 -8.33 -3.33
N GLN A 55 7.23 -9.11 -2.74
CA GLN A 55 6.85 -10.19 -1.85
C GLN A 55 7.16 -9.78 -0.42
N GLY A 56 7.34 -8.47 -0.21
CA GLY A 56 7.67 -7.94 1.10
C GLY A 56 8.97 -8.51 1.63
N ALA A 57 9.90 -8.80 0.72
CA ALA A 57 11.18 -9.40 1.09
C ALA A 57 12.27 -9.00 0.09
N LEU A 58 13.51 -9.24 0.46
CA LEU A 58 14.64 -8.93 -0.42
C LEU A 58 15.28 -10.20 -0.97
N LEU A 59 15.91 -10.07 -2.13
CA LEU A 59 16.64 -11.18 -2.73
C LEU A 59 17.80 -11.62 -1.84
N ASN A 60 18.06 -12.92 -1.82
CA ASN A 60 19.15 -13.49 -1.05
C ASN A 60 18.96 -13.37 0.46
N ASP A 61 17.71 -13.20 0.89
CA ASP A 61 17.35 -13.22 2.29
C ASP A 61 16.38 -14.36 2.56
N LYS A 62 16.35 -14.86 3.79
CA LYS A 62 15.51 -16.01 4.11
C LYS A 62 14.03 -15.74 3.87
N HIS A 63 13.61 -14.48 3.95
CA HIS A 63 12.18 -14.16 3.77
C HIS A 63 11.74 -14.29 2.31
N SER A 64 12.70 -14.53 1.42
CA SER A 64 12.37 -14.80 0.01
C SER A 64 11.92 -16.25 -0.16
N ASN A 65 11.99 -17.01 0.93
CA ASN A 65 11.57 -18.41 0.93
C ASN A 65 10.09 -18.54 0.57
N GLY A 66 9.80 -19.40 -0.39
CA GLY A 66 8.41 -19.70 -0.75
C GLY A 66 7.72 -18.67 -1.61
N THR A 67 8.49 -17.77 -2.21
CA THR A 67 7.91 -16.67 -2.98
C THR A 67 7.34 -17.07 -4.35
N ILE A 68 7.29 -18.38 -4.62
CA ILE A 68 6.56 -18.84 -5.79
C ILE A 68 5.07 -18.55 -5.56
N LYS A 69 4.69 -18.45 -4.29
CA LYS A 69 3.30 -18.23 -3.91
C LYS A 69 2.76 -16.91 -4.46
N ASP A 70 1.56 -16.96 -5.03
CA ASP A 70 1.00 -15.80 -5.73
C ASP A 70 0.45 -14.71 -4.81
N ARG A 71 -0.21 -15.12 -3.73
CA ARG A 71 -0.94 -14.15 -2.90
C ARG A 71 -0.61 -14.28 -1.42
N SER A 72 -0.48 -13.13 -0.76
CA SER A 72 -0.22 -13.08 0.67
C SER A 72 -0.49 -11.67 1.16
N PRO A 73 -0.57 -11.49 2.49
CA PRO A 73 -0.80 -10.18 3.09
C PRO A 73 0.43 -9.28 2.98
N TYR A 74 1.56 -9.85 2.57
CA TYR A 74 2.82 -9.11 2.56
C TYR A 74 3.10 -8.42 1.24
N ARG A 75 2.46 -8.88 0.17
CA ARG A 75 2.72 -8.32 -1.15
C ARG A 75 2.22 -6.88 -1.24
N THR A 76 3.03 -6.02 -1.84
CA THR A 76 2.67 -4.62 -1.99
C THR A 76 3.00 -4.11 -3.38
N LEU A 77 2.18 -3.21 -3.89
CA LEU A 77 2.46 -2.54 -5.15
C LEU A 77 3.35 -1.34 -4.88
N MET A 78 4.51 -1.30 -5.53
CA MET A 78 5.41 -0.18 -5.42
C MET A 78 5.89 0.21 -6.81
N SER A 79 6.63 1.31 -6.91
CA SER A 79 7.14 1.74 -8.20
C SER A 79 8.46 2.48 -8.05
N CYS A 80 9.25 2.45 -9.12
CA CYS A 80 10.48 3.22 -9.17
C CYS A 80 10.67 3.72 -10.59
N PRO A 81 11.61 4.66 -10.79
CA PRO A 81 11.88 5.13 -12.15
C PRO A 81 12.27 3.96 -13.04
N ILE A 82 11.89 4.03 -14.32
CA ILE A 82 12.13 2.92 -15.23
C ILE A 82 13.63 2.64 -15.37
N GLY A 83 14.00 1.37 -15.39
CA GLY A 83 15.38 0.99 -15.57
C GLY A 83 16.18 0.84 -14.30
N GLU A 84 15.64 1.35 -13.19
CA GLU A 84 16.29 1.21 -11.90
C GLU A 84 15.84 -0.07 -11.20
N VAL A 85 16.71 -0.64 -10.38
CA VAL A 85 16.34 -1.84 -9.62
C VAL A 85 15.31 -1.47 -8.56
N PRO A 86 14.32 -2.35 -8.35
CA PRO A 86 13.30 -2.16 -7.32
C PRO A 86 13.92 -2.36 -5.94
N SER A 87 14.24 -1.27 -5.26
CA SER A 87 14.85 -1.33 -3.93
C SER A 87 14.03 -0.53 -2.91
N PRO A 88 14.12 -0.93 -1.64
CA PRO A 88 13.45 -0.17 -0.58
C PRO A 88 13.99 1.26 -0.50
N TYR A 89 15.13 1.51 -1.13
CA TYR A 89 15.77 2.83 -1.03
C TYR A 89 15.42 3.77 -2.17
N ASN A 90 14.82 3.25 -3.23
CA ASN A 90 14.45 4.09 -4.38
C ASN A 90 13.01 3.90 -4.82
N SER A 91 12.26 3.10 -4.07
CA SER A 91 10.89 2.77 -4.48
C SER A 91 9.81 3.52 -3.71
N ARG A 92 8.81 3.99 -4.43
CA ARG A 92 7.65 4.64 -3.83
C ARG A 92 6.57 3.62 -3.50
N PHE A 93 5.98 3.72 -2.33
CA PHE A 93 4.88 2.82 -1.97
C PHE A 93 3.59 3.25 -2.64
N GLU A 94 2.86 2.30 -3.21
CA GLU A 94 1.61 2.60 -3.90
C GLU A 94 0.39 2.04 -3.17
N SER A 95 0.39 0.73 -2.94
CA SER A 95 -0.77 0.07 -2.37
C SER A 95 -0.41 -1.32 -1.84
N VAL A 96 -1.22 -1.85 -0.93
CA VAL A 96 -1.07 -3.25 -0.52
C VAL A 96 -1.82 -4.09 -1.54
N ALA A 97 -1.14 -5.05 -2.16
CA ALA A 97 -1.75 -5.74 -3.29
C ALA A 97 -1.03 -7.00 -3.77
N TRP A 98 -1.81 -8.00 -4.17
CA TRP A 98 -1.26 -9.16 -4.87
C TRP A 98 -1.77 -9.24 -6.30
N SER A 99 -2.53 -8.22 -6.70
CA SER A 99 -2.90 -8.00 -8.09
C SER A 99 -3.14 -6.50 -8.25
N ALA A 100 -2.73 -5.92 -9.37
CA ALA A 100 -2.77 -4.48 -9.50
C ALA A 100 -2.82 -3.93 -10.92
N SER A 101 -3.12 -2.64 -10.99
CA SER A 101 -3.02 -1.88 -12.23
C SER A 101 -2.72 -0.44 -11.84
N ALA A 102 -2.27 0.36 -12.81
CA ALA A 102 -1.99 1.76 -12.55
C ALA A 102 -1.88 2.53 -13.86
N CYS A 103 -2.16 3.83 -13.80
CA CYS A 103 -2.04 4.69 -14.97
C CYS A 103 -2.19 6.16 -14.60
N HIS A 104 -1.69 7.04 -15.47
CA HIS A 104 -1.74 8.48 -15.23
C HIS A 104 -2.69 9.12 -16.23
N ASP A 105 -3.60 9.97 -15.76
CA ASP A 105 -4.59 10.58 -16.65
C ASP A 105 -4.11 11.92 -17.21
N GLY A 106 -2.88 12.29 -16.90
CA GLY A 106 -2.34 13.58 -17.29
C GLY A 106 -2.23 14.51 -16.11
N ILE A 107 -3.07 14.27 -15.11
CA ILE A 107 -3.09 15.10 -13.91
C ILE A 107 -2.47 14.37 -12.72
N ASN A 108 -2.96 13.17 -12.43
CA ASN A 108 -2.50 12.39 -11.29
C ASN A 108 -2.41 10.90 -11.59
N TRP A 109 -1.74 10.17 -10.69
CA TRP A 109 -1.65 8.72 -10.79
C TRP A 109 -2.88 8.04 -10.21
N LEU A 110 -3.42 7.08 -10.96
CA LEU A 110 -4.43 6.19 -10.45
C LEU A 110 -3.77 4.84 -10.18
N THR A 111 -3.97 4.30 -8.99
CA THR A 111 -3.48 2.96 -8.69
C THR A 111 -4.62 2.07 -8.22
N ILE A 112 -4.59 0.81 -8.64
CA ILE A 112 -5.56 -0.18 -8.21
C ILE A 112 -4.82 -1.34 -7.58
N GLY A 113 -5.08 -1.60 -6.31
CA GLY A 113 -4.41 -2.67 -5.59
C GLY A 113 -5.39 -3.60 -4.92
N ILE A 114 -5.33 -4.88 -5.28
CA ILE A 114 -6.23 -5.88 -4.72
C ILE A 114 -5.54 -6.69 -3.64
N SER A 115 -6.14 -6.73 -2.46
CA SER A 115 -5.65 -7.55 -1.35
C SER A 115 -6.83 -8.17 -0.63
N GLY A 116 -6.55 -8.89 0.45
CA GLY A 116 -7.60 -9.57 1.18
C GLY A 116 -7.65 -11.05 0.82
N PRO A 117 -8.65 -11.78 1.37
CA PRO A 117 -8.76 -13.23 1.18
C PRO A 117 -9.23 -13.61 -0.21
N ASP A 118 -8.91 -14.83 -0.63
CA ASP A 118 -9.31 -15.32 -1.94
C ASP A 118 -10.81 -15.27 -2.16
N ASN A 119 -11.58 -15.44 -1.09
CA ASN A 119 -13.04 -15.50 -1.20
C ASN A 119 -13.75 -14.17 -0.97
N GLY A 120 -12.99 -13.09 -0.89
CA GLY A 120 -13.58 -11.79 -0.66
C GLY A 120 -12.60 -10.64 -0.81
N ALA A 121 -11.77 -10.72 -1.84
CA ALA A 121 -10.74 -9.70 -2.09
C ALA A 121 -11.37 -8.34 -2.37
N VAL A 122 -10.65 -7.28 -2.02
CA VAL A 122 -11.11 -5.92 -2.27
C VAL A 122 -10.06 -5.13 -3.03
N ALA A 123 -10.48 -4.52 -4.13
CA ALA A 123 -9.61 -3.63 -4.87
C ALA A 123 -9.70 -2.23 -4.27
N VAL A 124 -8.57 -1.68 -3.89
CA VAL A 124 -8.53 -0.32 -3.34
C VAL A 124 -8.01 0.62 -4.41
N LEU A 125 -8.81 1.63 -4.76
CA LEU A 125 -8.42 2.61 -5.75
C LEU A 125 -7.88 3.87 -5.10
N LYS A 126 -6.74 4.35 -5.60
CA LYS A 126 -6.15 5.59 -5.11
C LYS A 126 -5.92 6.57 -6.26
N TYR A 127 -6.16 7.84 -5.98
CA TYR A 127 -5.89 8.90 -6.94
C TYR A 127 -4.97 9.89 -6.25
N ASN A 128 -3.75 10.01 -6.75
CA ASN A 128 -2.73 10.81 -6.09
C ASN A 128 -2.46 10.31 -4.67
N GLY A 129 -2.48 9.00 -4.49
CA GLY A 129 -2.14 8.39 -3.22
C GLY A 129 -3.23 8.46 -2.16
N ILE A 130 -4.40 8.96 -2.54
CA ILE A 130 -5.54 9.04 -1.64
C ILE A 130 -6.60 8.03 -2.04
N ILE A 131 -7.10 7.25 -1.09
CA ILE A 131 -8.14 6.28 -1.39
C ILE A 131 -9.41 6.97 -1.89
N THR A 132 -9.91 6.54 -3.04
CA THR A 132 -11.04 7.20 -3.68
C THR A 132 -12.20 6.25 -3.91
N ASP A 133 -11.94 4.95 -3.84
CA ASP A 133 -12.99 3.98 -4.08
C ASP A 133 -12.51 2.57 -3.81
N THR A 134 -13.46 1.65 -3.71
CA THR A 134 -13.15 0.24 -3.57
C THR A 134 -14.17 -0.57 -4.36
N ILE A 135 -13.78 -1.77 -4.74
CA ILE A 135 -14.69 -2.70 -5.38
C ILE A 135 -14.38 -4.09 -4.85
N LYS A 136 -15.39 -4.77 -4.32
CA LYS A 136 -15.18 -6.06 -3.70
C LYS A 136 -15.58 -7.21 -4.62
N SER A 137 -14.88 -8.33 -4.45
CA SER A 137 -15.16 -9.56 -5.20
C SER A 137 -16.66 -9.81 -5.29
N TRP A 138 -17.13 -10.13 -6.49
CA TRP A 138 -18.56 -10.41 -6.70
C TRP A 138 -18.85 -11.88 -6.99
N ARG A 139 -17.79 -12.67 -7.19
CA ARG A 139 -17.93 -14.11 -7.36
C ARG A 139 -17.20 -14.87 -6.27
N ASN A 140 -16.57 -14.13 -5.36
CA ASN A 140 -15.87 -14.74 -4.23
C ASN A 140 -14.80 -15.74 -4.65
N ASN A 141 -14.14 -15.48 -5.77
CA ASN A 141 -13.12 -16.39 -6.27
C ASN A 141 -11.94 -15.67 -6.91
N ILE A 142 -11.11 -15.06 -6.05
CA ILE A 142 -9.88 -14.41 -6.49
C ILE A 142 -10.10 -13.27 -7.48
N LEU A 143 -10.70 -12.18 -7.00
CA LEU A 143 -10.79 -10.97 -7.80
C LEU A 143 -9.38 -10.61 -8.28
N ARG A 144 -9.24 -10.36 -9.58
CA ARG A 144 -7.93 -10.10 -10.15
C ARG A 144 -8.00 -9.14 -11.33
N THR A 145 -6.91 -8.43 -11.60
CA THR A 145 -6.91 -7.42 -12.65
C THR A 145 -5.70 -7.54 -13.60
N GLN A 146 -5.34 -6.42 -14.24
CA GLN A 146 -4.43 -6.45 -15.39
C GLN A 146 -3.00 -6.92 -15.13
N GLU A 147 -2.39 -6.42 -14.05
CA GLU A 147 -0.96 -6.58 -13.85
C GLU A 147 -0.21 -5.80 -14.93
N SER A 148 -0.88 -4.79 -15.49
CA SER A 148 -0.25 -3.83 -16.39
C SER A 148 -1.05 -2.53 -16.36
N GLU A 149 -0.62 -1.53 -17.12
CA GLU A 149 -1.21 -0.20 -17.01
C GLU A 149 -2.65 -0.14 -17.50
N CYS A 150 -3.49 0.60 -16.78
CA CYS A 150 -4.82 0.91 -17.30
C CYS A 150 -4.69 1.91 -18.45
N ALA A 151 -5.81 2.22 -19.10
CA ALA A 151 -5.79 3.10 -20.26
C ALA A 151 -6.65 4.34 -20.03
N CYS A 152 -6.11 5.51 -20.37
CA CYS A 152 -6.79 6.76 -20.11
C CYS A 152 -7.13 7.54 -21.37
N VAL A 153 -8.34 8.10 -21.40
CA VAL A 153 -8.80 8.91 -22.50
C VAL A 153 -9.64 10.06 -21.96
N ASN A 154 -9.23 11.29 -22.26
CA ASN A 154 -9.94 12.50 -21.84
C ASN A 154 -10.42 12.50 -20.39
N GLY A 155 -9.53 12.16 -19.46
CA GLY A 155 -9.85 12.26 -18.05
C GLY A 155 -10.52 11.04 -17.46
N SER A 156 -10.81 10.05 -18.31
CA SER A 156 -11.36 8.79 -17.85
C SER A 156 -10.36 7.67 -18.07
N CYS A 157 -10.20 6.82 -17.07
CA CYS A 157 -9.30 5.68 -17.15
C CYS A 157 -10.09 4.39 -17.09
N PHE A 158 -9.62 3.37 -17.80
CA PHE A 158 -10.37 2.13 -17.94
C PHE A 158 -9.52 0.90 -17.60
N THR A 159 -10.14 -0.08 -16.96
CA THR A 159 -9.46 -1.33 -16.64
C THR A 159 -10.44 -2.49 -16.72
N VAL A 160 -9.91 -3.70 -16.69
CA VAL A 160 -10.73 -4.90 -16.72
C VAL A 160 -10.39 -5.77 -15.52
N MET A 161 -11.42 -6.32 -14.88
CA MET A 161 -11.21 -7.24 -13.76
C MET A 161 -11.93 -8.55 -13.97
N THR A 162 -11.40 -9.60 -13.35
CA THR A 162 -11.98 -10.93 -13.46
C THR A 162 -12.22 -11.52 -12.07
N ASP A 163 -13.27 -12.34 -11.96
CA ASP A 163 -13.60 -13.00 -10.72
C ASP A 163 -14.23 -14.34 -11.09
N GLY A 164 -13.75 -15.42 -10.48
CA GLY A 164 -14.23 -16.75 -10.82
C GLY A 164 -13.09 -17.71 -11.15
N PRO A 165 -13.45 -18.91 -11.63
CA PRO A 165 -12.51 -20.00 -11.92
C PRO A 165 -11.40 -19.60 -12.89
N SER A 166 -10.22 -20.20 -12.71
CA SER A 166 -9.12 -20.02 -13.64
C SER A 166 -9.09 -21.15 -14.66
N ASN A 167 -9.99 -22.12 -14.47
CA ASN A 167 -10.03 -23.30 -15.33
C ASN A 167 -11.44 -23.55 -15.88
N GLY A 168 -12.21 -22.48 -16.01
CA GLY A 168 -13.57 -22.58 -16.51
C GLY A 168 -14.18 -21.21 -16.70
N GLN A 169 -15.46 -21.18 -17.04
CA GLN A 169 -16.17 -19.93 -17.24
C GLN A 169 -16.06 -19.04 -16.00
N ALA A 170 -15.64 -17.79 -16.21
CA ALA A 170 -15.57 -16.82 -15.13
C ALA A 170 -16.38 -15.58 -15.48
N SER A 171 -16.25 -14.55 -14.66
CA SER A 171 -16.97 -13.29 -14.87
C SER A 171 -15.99 -12.16 -15.11
N TYR A 172 -16.29 -11.32 -16.11
CA TYR A 172 -15.37 -10.27 -16.53
C TYR A 172 -16.09 -8.93 -16.59
N LYS A 173 -15.50 -7.92 -15.94
CA LYS A 173 -16.10 -6.59 -15.90
C LYS A 173 -15.15 -5.50 -16.38
N ILE A 174 -15.70 -4.51 -17.08
CA ILE A 174 -14.96 -3.33 -17.51
C ILE A 174 -15.36 -2.16 -16.64
N PHE A 175 -14.39 -1.34 -16.25
CA PHE A 175 -14.66 -0.20 -15.40
C PHE A 175 -14.23 1.13 -16.02
N ARG A 176 -15.05 2.15 -15.83
CA ARG A 176 -14.67 3.51 -16.18
C ARG A 176 -14.42 4.29 -14.89
N ILE A 177 -13.24 4.87 -14.77
CA ILE A 177 -12.82 5.50 -13.53
C ILE A 177 -12.40 6.94 -13.77
N GLU A 178 -12.99 7.87 -13.02
CA GLU A 178 -12.66 9.28 -13.14
C GLU A 178 -12.19 9.84 -11.80
N LYS A 179 -10.94 10.29 -11.75
CA LYS A 179 -10.34 10.79 -10.54
C LYS A 179 -10.43 9.76 -9.40
N GLY A 180 -10.24 8.49 -9.76
CA GLY A 180 -10.18 7.43 -8.77
C GLY A 180 -11.55 6.92 -8.37
N LYS A 181 -12.59 7.50 -8.93
CA LYS A 181 -13.96 7.10 -8.62
C LYS A 181 -14.56 6.28 -9.77
N ILE A 182 -15.10 5.11 -9.45
CA ILE A 182 -15.79 4.30 -10.45
C ILE A 182 -17.10 4.96 -10.84
N VAL A 183 -17.22 5.40 -12.09
CA VAL A 183 -18.41 6.10 -12.54
C VAL A 183 -19.30 5.20 -13.40
N LYS A 184 -18.74 4.09 -13.88
CA LYS A 184 -19.51 3.12 -14.65
C LYS A 184 -18.78 1.79 -14.73
N SER A 185 -19.55 0.71 -14.76
CA SER A 185 -19.00 -0.61 -15.01
C SER A 185 -20.03 -1.44 -15.76
N VAL A 186 -19.55 -2.48 -16.41
CA VAL A 186 -20.44 -3.39 -17.13
C VAL A 186 -19.82 -4.77 -17.16
N GLU A 187 -20.63 -5.80 -16.95
CA GLU A 187 -20.14 -7.16 -17.08
C GLU A 187 -20.21 -7.61 -18.53
N MET A 188 -19.11 -8.15 -19.02
CA MET A 188 -19.05 -8.63 -20.39
C MET A 188 -19.86 -9.90 -20.55
N ASN A 189 -20.73 -9.91 -21.56
CA ASN A 189 -21.49 -11.10 -21.93
C ASN A 189 -20.63 -11.97 -22.87
N ALA A 190 -19.81 -12.84 -22.29
CA ALA A 190 -18.84 -13.58 -23.07
C ALA A 190 -18.82 -15.06 -22.72
N PRO A 191 -19.91 -15.76 -23.01
CA PRO A 191 -19.98 -17.21 -22.79
C PRO A 191 -18.90 -17.91 -23.59
N ASN A 192 -18.21 -18.85 -22.97
CA ASN A 192 -17.16 -19.63 -23.61
C ASN A 192 -15.86 -18.85 -23.83
N TYR A 193 -15.83 -17.60 -23.37
CA TYR A 193 -14.61 -16.81 -23.38
C TYR A 193 -13.97 -16.88 -22.01
N HIS A 194 -12.66 -16.63 -21.96
CA HIS A 194 -11.96 -16.49 -20.68
C HIS A 194 -10.98 -15.32 -20.78
N TYR A 195 -11.12 -14.36 -19.86
CA TYR A 195 -10.30 -13.15 -19.86
C TYR A 195 -9.53 -13.01 -18.55
N GLU A 196 -8.22 -12.81 -18.65
CA GLU A 196 -7.39 -12.52 -17.50
C GLU A 196 -6.24 -11.60 -17.89
N GLU A 197 -5.78 -10.79 -16.92
CA GLU A 197 -4.56 -10.03 -17.07
C GLU A 197 -4.47 -9.29 -18.40
N CYS A 198 -5.50 -8.51 -18.70
CA CYS A 198 -5.58 -7.79 -19.97
C CYS A 198 -4.49 -6.73 -20.12
N SER A 199 -3.90 -6.67 -21.31
CA SER A 199 -3.02 -5.57 -21.69
C SER A 199 -3.83 -4.60 -22.54
N CYS A 200 -4.13 -3.43 -21.97
CA CYS A 200 -5.03 -2.47 -22.61
C CYS A 200 -4.30 -1.19 -22.99
N TYR A 201 -4.67 -0.63 -24.14
CA TYR A 201 -4.10 0.63 -24.58
C TYR A 201 -5.16 1.46 -25.29
N PRO A 202 -4.98 2.78 -25.30
CA PRO A 202 -5.90 3.69 -25.99
C PRO A 202 -5.51 3.86 -27.45
N ASP A 203 -6.49 4.05 -28.30
CA ASP A 203 -6.24 4.24 -29.73
C ASP A 203 -7.48 4.89 -30.33
N SER A 204 -7.34 6.13 -30.79
CA SER A 204 -8.45 6.85 -31.40
C SER A 204 -9.65 6.94 -30.46
N SER A 205 -9.39 7.32 -29.21
CA SER A 205 -10.46 7.57 -28.24
C SER A 205 -11.15 6.30 -27.74
N GLU A 206 -10.69 5.14 -28.19
CA GLU A 206 -11.26 3.88 -27.74
C GLU A 206 -10.19 2.98 -27.15
N ILE A 207 -10.62 1.96 -26.40
CA ILE A 207 -9.67 1.08 -25.71
C ILE A 207 -9.64 -0.32 -26.32
N THR A 208 -8.44 -0.85 -26.51
CA THR A 208 -8.27 -2.21 -26.99
C THR A 208 -7.48 -3.02 -25.98
N CYS A 209 -8.00 -4.18 -25.60
CA CYS A 209 -7.36 -5.05 -24.64
C CYS A 209 -7.08 -6.42 -25.24
N VAL A 210 -5.85 -6.90 -25.05
CA VAL A 210 -5.49 -8.26 -25.42
C VAL A 210 -5.13 -9.00 -24.15
N CYS A 211 -5.75 -10.16 -23.93
CA CYS A 211 -5.71 -10.79 -22.63
C CYS A 211 -5.28 -12.26 -22.66
N ARG A 212 -5.54 -12.95 -21.55
CA ARG A 212 -5.11 -14.32 -21.36
C ARG A 212 -6.31 -15.22 -21.08
N ASP A 213 -6.49 -16.23 -21.93
CA ASP A 213 -7.51 -17.25 -21.72
C ASP A 213 -6.85 -18.43 -21.02
N ASN A 214 -7.12 -18.59 -19.72
CA ASN A 214 -6.46 -19.66 -18.95
C ASN A 214 -7.26 -20.96 -18.99
N TRP A 215 -8.40 -20.90 -19.67
CA TRP A 215 -9.39 -21.98 -19.63
C TRP A 215 -9.19 -22.97 -20.78
N HIS A 216 -9.31 -22.49 -22.02
CA HIS A 216 -9.27 -23.38 -23.17
C HIS A 216 -8.93 -22.67 -24.48
N GLY A 217 -8.00 -21.71 -24.42
CA GLY A 217 -7.61 -20.98 -25.61
C GLY A 217 -6.12 -20.73 -25.69
N SER A 218 -5.47 -21.24 -26.75
CA SER A 218 -4.04 -21.04 -26.93
C SER A 218 -3.74 -19.79 -27.76
N ASN A 219 -4.79 -19.21 -28.33
CA ASN A 219 -4.72 -17.87 -28.89
C ASN A 219 -5.25 -16.89 -27.86
N ARG A 220 -5.06 -15.60 -28.08
CA ARG A 220 -5.46 -14.61 -27.08
C ARG A 220 -6.82 -13.99 -27.36
N PRO A 221 -7.64 -13.85 -26.32
CA PRO A 221 -8.92 -13.14 -26.42
C PRO A 221 -8.69 -11.64 -26.41
N TRP A 222 -9.62 -10.89 -27.01
CA TRP A 222 -9.54 -9.44 -26.96
C TRP A 222 -10.90 -8.83 -26.66
N VAL A 223 -10.87 -7.62 -26.11
CA VAL A 223 -12.08 -6.84 -25.90
C VAL A 223 -11.74 -5.40 -26.18
N SER A 224 -12.61 -4.73 -26.93
CA SER A 224 -12.43 -3.32 -27.23
C SER A 224 -13.72 -2.59 -26.90
N PHE A 225 -13.60 -1.34 -26.45
CA PHE A 225 -14.75 -0.58 -26.04
C PHE A 225 -14.53 0.92 -26.14
N ASN A 226 -15.61 1.67 -26.29
CA ASN A 226 -15.53 3.12 -26.26
C ASN A 226 -15.67 3.64 -24.84
N GLN A 227 -15.70 4.95 -24.68
CA GLN A 227 -15.73 5.55 -23.35
C GLN A 227 -17.03 5.24 -22.60
N ASN A 228 -18.08 4.91 -23.35
CA ASN A 228 -19.35 4.55 -22.73
C ASN A 228 -19.43 3.06 -22.38
N LEU A 229 -18.32 2.37 -22.61
CA LEU A 229 -18.21 0.95 -22.27
C LEU A 229 -19.02 0.05 -23.19
N GLU A 230 -19.36 0.56 -24.37
CA GLU A 230 -19.94 -0.27 -25.41
C GLU A 230 -18.81 -1.07 -26.02
N TYR A 231 -18.89 -2.40 -25.91
CA TYR A 231 -17.74 -3.24 -26.21
C TYR A 231 -17.96 -4.24 -27.34
N GLN A 232 -16.85 -4.76 -27.86
CA GLN A 232 -16.85 -5.88 -28.79
C GLN A 232 -15.83 -6.89 -28.29
N ILE A 233 -16.04 -8.17 -28.61
CA ILE A 233 -15.15 -9.22 -28.14
C ILE A 233 -14.78 -10.20 -29.24
N GLY A 234 -13.68 -10.92 -29.04
CA GLY A 234 -13.24 -11.93 -29.99
C GLY A 234 -11.90 -12.51 -29.59
N TYR A 235 -11.33 -13.31 -30.48
CA TYR A 235 -9.99 -13.87 -30.30
C TYR A 235 -9.13 -13.53 -31.50
N ILE A 236 -7.83 -13.37 -31.27
CA ILE A 236 -6.90 -13.15 -32.39
C ILE A 236 -6.90 -14.38 -33.29
N CYS A 237 -7.18 -14.17 -34.57
CA CYS A 237 -7.43 -15.26 -35.51
C CYS A 237 -6.15 -15.95 -36.01
N SER A 238 -5.02 -15.26 -35.90
CA SER A 238 -3.77 -15.75 -36.49
C SER A 238 -3.39 -17.17 -36.06
N GLY A 239 -2.83 -17.92 -37.01
CA GLY A 239 -2.34 -19.26 -36.73
C GLY A 239 -1.01 -19.20 -36.00
N ILE A 240 -0.46 -17.99 -35.89
CA ILE A 240 0.71 -17.74 -35.06
C ILE A 240 0.23 -17.54 -33.62
N PHE A 241 0.00 -18.63 -32.92
CA PHE A 241 -0.61 -18.58 -31.59
C PHE A 241 0.24 -17.79 -30.59
N GLY A 242 -0.43 -17.00 -29.75
CA GLY A 242 0.26 -16.04 -28.91
C GLY A 242 0.45 -16.42 -27.45
N ASP A 243 -0.34 -17.39 -26.98
CA ASP A 243 -0.28 -17.75 -25.57
C ASP A 243 0.86 -18.74 -25.29
N ASN A 244 1.02 -19.08 -24.02
CA ASN A 244 1.96 -20.11 -23.60
C ASN A 244 1.37 -20.83 -22.39
N PRO A 245 1.19 -22.15 -22.50
CA PRO A 245 1.61 -22.97 -23.63
C PRO A 245 0.71 -22.81 -24.86
N ARG A 246 1.06 -23.51 -25.93
CA ARG A 246 0.34 -23.43 -27.19
C ARG A 246 0.79 -24.56 -28.10
N PRO A 247 0.06 -24.78 -29.20
CA PRO A 247 0.48 -25.76 -30.21
C PRO A 247 1.53 -25.15 -31.11
N ASN A 248 2.16 -25.96 -31.95
CA ASN A 248 2.99 -25.42 -33.03
C ASN A 248 2.10 -24.60 -33.96
N ASP A 249 2.68 -23.60 -34.61
CA ASP A 249 1.91 -22.76 -35.53
C ASP A 249 1.21 -23.58 -36.60
N LYS A 250 -0.06 -23.27 -36.84
CA LYS A 250 -0.84 -23.93 -37.87
C LYS A 250 -2.02 -23.05 -38.25
N THR A 251 -3.14 -23.66 -38.63
CA THR A 251 -4.34 -22.91 -38.93
C THR A 251 -5.03 -22.47 -37.64
N GLY A 252 -5.29 -21.17 -37.53
CA GLY A 252 -5.85 -20.62 -36.31
C GLY A 252 -7.37 -20.58 -36.28
N SER A 253 -7.91 -19.87 -35.30
CA SER A 253 -9.35 -19.75 -35.16
C SER A 253 -9.70 -18.37 -34.61
N CYS A 254 -10.85 -17.86 -35.02
CA CYS A 254 -11.32 -16.58 -34.49
C CYS A 254 -12.07 -16.78 -33.18
N GLY A 255 -12.11 -18.03 -32.74
CA GLY A 255 -12.59 -18.38 -31.42
C GLY A 255 -11.45 -19.01 -30.62
N PRO A 256 -11.74 -19.45 -29.39
CA PRO A 256 -10.69 -20.05 -28.54
C PRO A 256 -10.13 -21.35 -29.13
N VAL A 257 -8.81 -21.41 -29.29
CA VAL A 257 -8.15 -22.61 -29.78
C VAL A 257 -7.93 -23.59 -28.63
N SER A 258 -8.63 -24.71 -28.67
CA SER A 258 -8.64 -25.66 -27.55
C SER A 258 -7.30 -26.38 -27.34
N SER A 259 -6.60 -26.67 -28.42
CA SER A 259 -5.32 -27.37 -28.33
C SER A 259 -4.34 -26.64 -27.42
N ASN A 260 -3.89 -27.31 -26.37
CA ASN A 260 -2.98 -26.69 -25.40
C ASN A 260 -3.55 -25.40 -24.84
N GLY A 261 -4.87 -25.33 -24.74
CA GLY A 261 -5.55 -24.11 -24.36
C GLY A 261 -5.56 -23.81 -22.86
N ALA A 262 -5.43 -24.84 -22.04
CA ALA A 262 -5.40 -24.65 -20.59
C ALA A 262 -4.10 -23.97 -20.16
N ASN A 263 -4.13 -23.30 -19.00
CA ASN A 263 -2.98 -22.54 -18.53
C ASN A 263 -2.72 -21.35 -19.44
N GLY A 264 -1.62 -20.64 -19.22
CA GLY A 264 -1.31 -19.49 -20.05
C GLY A 264 -0.30 -18.55 -19.44
N VAL A 265 -0.16 -17.38 -20.04
CA VAL A 265 0.75 -16.35 -19.53
C VAL A 265 0.21 -15.00 -19.96
N LYS A 266 0.41 -13.98 -19.14
CA LYS A 266 0.02 -12.62 -19.53
C LYS A 266 0.82 -12.20 -20.76
N GLY A 267 0.14 -11.61 -21.72
CA GLY A 267 0.77 -11.13 -22.94
C GLY A 267 0.06 -9.92 -23.51
N PHE A 268 0.41 -9.57 -24.73
CA PHE A 268 -0.16 -8.39 -25.36
C PHE A 268 -0.07 -8.52 -26.88
N SER A 269 -0.75 -7.62 -27.57
CA SER A 269 -0.62 -7.50 -29.02
C SER A 269 -1.12 -6.12 -29.41
N PHE A 270 -0.60 -5.59 -30.51
CA PHE A 270 -1.06 -4.32 -31.03
C PHE A 270 -1.78 -4.50 -32.36
N LYS A 271 -3.02 -4.04 -32.41
CA LYS A 271 -3.84 -4.16 -33.61
C LYS A 271 -3.61 -2.97 -34.55
N TYR A 272 -3.38 -3.28 -35.82
CA TYR A 272 -3.28 -2.28 -36.87
C TYR A 272 -4.13 -2.73 -38.06
N GLY A 273 -5.37 -2.28 -38.10
CA GLY A 273 -6.30 -2.75 -39.11
C GLY A 273 -6.48 -4.26 -38.96
N ASN A 274 -6.29 -4.99 -40.04
CA ASN A 274 -6.38 -6.45 -40.00
C ASN A 274 -5.08 -7.09 -39.52
N GLY A 275 -4.05 -6.26 -39.35
CA GLY A 275 -2.75 -6.75 -38.96
C GLY A 275 -2.53 -6.68 -37.45
N VAL A 276 -1.46 -7.34 -36.99
CA VAL A 276 -1.19 -7.39 -35.57
C VAL A 276 0.30 -7.59 -35.28
N TRP A 277 0.81 -6.81 -34.33
CA TRP A 277 2.11 -7.05 -33.75
C TRP A 277 1.94 -8.01 -32.58
N ILE A 278 2.50 -9.20 -32.70
CA ILE A 278 2.36 -10.22 -31.67
C ILE A 278 3.66 -10.39 -30.89
N GLY A 279 3.58 -10.21 -29.57
CA GLY A 279 4.70 -10.55 -28.70
C GLY A 279 4.39 -11.90 -28.07
N ARG A 280 5.37 -12.81 -28.10
CA ARG A 280 5.16 -14.14 -27.53
C ARG A 280 6.45 -14.82 -27.16
N THR A 281 6.35 -15.82 -26.28
CA THR A 281 7.51 -16.66 -25.95
C THR A 281 7.98 -17.37 -27.21
N LYS A 282 9.22 -17.84 -27.19
CA LYS A 282 9.73 -18.64 -28.30
C LYS A 282 9.37 -20.11 -28.11
N SER A 283 9.32 -20.57 -26.87
CA SER A 283 8.92 -21.94 -26.55
C SER A 283 7.41 -22.08 -26.55
N ILE A 284 6.92 -23.22 -27.02
CA ILE A 284 5.48 -23.48 -27.04
C ILE A 284 5.01 -24.12 -25.73
N SER A 285 5.97 -24.55 -24.91
CA SER A 285 5.64 -25.32 -23.71
C SER A 285 6.08 -24.66 -22.40
N SER A 286 7.04 -23.74 -22.48
CA SER A 286 7.60 -23.14 -21.29
C SER A 286 7.81 -21.64 -21.46
N ARG A 287 8.02 -20.93 -20.35
CA ARG A 287 8.19 -19.48 -20.39
C ARG A 287 9.63 -19.10 -20.68
N ASN A 288 10.11 -19.41 -21.88
CA ASN A 288 11.45 -19.00 -22.29
C ASN A 288 11.47 -18.42 -23.70
N GLY A 289 12.42 -17.51 -23.93
CA GLY A 289 12.53 -16.80 -25.18
C GLY A 289 11.42 -15.76 -25.33
N PHE A 290 11.64 -14.80 -26.22
CA PHE A 290 10.61 -13.83 -26.56
C PHE A 290 10.89 -13.26 -27.95
N GLU A 291 9.83 -13.03 -28.72
CA GLU A 291 9.97 -12.52 -30.07
C GLU A 291 8.81 -11.62 -30.41
N MET A 292 9.04 -10.66 -31.30
CA MET A 292 7.98 -9.81 -31.81
C MET A 292 7.70 -10.17 -33.26
N ILE A 293 6.44 -10.41 -33.58
CA ILE A 293 6.07 -10.83 -34.92
C ILE A 293 5.03 -9.89 -35.53
N TRP A 294 5.32 -9.40 -36.74
CA TRP A 294 4.35 -8.60 -37.47
C TRP A 294 3.58 -9.48 -38.46
N ASP A 295 2.29 -9.60 -38.22
CA ASP A 295 1.42 -10.39 -39.09
C ASP A 295 0.35 -9.50 -39.71
N PRO A 296 0.56 -9.11 -40.98
CA PRO A 296 -0.27 -8.12 -41.69
C PRO A 296 -1.76 -8.43 -41.74
N ASN A 297 -2.16 -9.68 -41.59
CA ASN A 297 -3.58 -10.01 -41.53
C ASN A 297 -3.91 -10.93 -40.36
N GLY A 298 -3.08 -10.90 -39.34
CA GLY A 298 -3.19 -11.83 -38.22
C GLY A 298 -4.33 -11.58 -37.26
N TRP A 299 -4.92 -10.39 -37.31
CA TRP A 299 -6.03 -10.10 -36.41
C TRP A 299 -7.28 -10.85 -36.84
N THR A 300 -7.51 -10.89 -38.14
CA THR A 300 -8.74 -11.48 -38.69
C THR A 300 -8.48 -12.72 -39.56
N GLY A 301 -7.22 -12.93 -39.93
CA GLY A 301 -6.85 -14.06 -40.77
C GLY A 301 -6.31 -15.24 -39.97
N THR A 302 -6.59 -16.45 -40.43
CA THR A 302 -6.28 -17.65 -39.66
C THR A 302 -5.03 -18.40 -40.11
N ASP A 303 -4.38 -17.95 -41.18
CA ASP A 303 -3.18 -18.62 -41.67
C ASP A 303 -2.02 -18.36 -40.72
N ASN A 304 -0.91 -19.07 -40.92
CA ASN A 304 0.25 -18.95 -40.06
C ASN A 304 1.44 -18.27 -40.73
N ASN A 305 1.17 -17.50 -41.76
CA ASN A 305 2.23 -16.75 -42.44
C ASN A 305 2.44 -15.40 -41.76
N PHE A 306 3.67 -14.89 -41.82
CA PHE A 306 3.97 -13.58 -41.25
C PHE A 306 5.07 -12.89 -42.04
N SER A 307 5.26 -11.60 -41.78
CA SER A 307 6.19 -10.79 -42.57
C SER A 307 7.49 -10.46 -41.83
N ILE A 308 7.37 -10.20 -40.52
CA ILE A 308 8.53 -9.78 -39.74
C ILE A 308 8.63 -10.53 -38.42
N LYS A 309 9.86 -10.95 -38.08
CA LYS A 309 10.13 -11.49 -36.76
C LYS A 309 11.38 -10.85 -36.19
N GLN A 310 11.26 -10.33 -34.97
CA GLN A 310 12.40 -9.73 -34.28
C GLN A 310 12.64 -10.43 -32.94
N ASP A 311 13.85 -10.95 -32.77
CA ASP A 311 14.23 -11.63 -31.53
C ASP A 311 14.38 -10.63 -30.39
N ILE A 312 13.91 -11.01 -29.21
CA ILE A 312 13.99 -10.16 -28.01
C ILE A 312 14.73 -10.89 -26.89
N VAL A 313 14.39 -12.16 -26.69
CA VAL A 313 15.07 -13.00 -25.72
C VAL A 313 15.28 -14.39 -26.32
N GLY A 314 16.50 -14.90 -26.24
CA GLY A 314 16.83 -16.20 -26.80
C GLY A 314 16.01 -17.33 -26.22
N ILE A 315 15.79 -18.37 -27.02
CA ILE A 315 14.95 -19.49 -26.61
C ILE A 315 15.51 -20.25 -25.40
N ASN A 316 16.83 -20.17 -25.20
CA ASN A 316 17.47 -20.83 -24.07
C ASN A 316 17.49 -19.96 -22.81
N GLU A 317 16.75 -18.86 -22.85
CA GLU A 317 16.71 -17.92 -21.72
C GLU A 317 15.28 -17.77 -21.20
N TRP A 318 15.15 -17.58 -19.89
CA TRP A 318 13.84 -17.44 -19.28
C TRP A 318 13.17 -16.12 -19.62
N SER A 319 11.88 -16.16 -19.91
CA SER A 319 11.08 -14.95 -20.08
C SER A 319 9.98 -14.94 -19.02
N GLY A 320 8.76 -14.62 -19.43
CA GLY A 320 7.65 -14.58 -18.50
C GLY A 320 6.52 -13.70 -18.98
N TYR A 321 5.93 -12.95 -18.07
CA TYR A 321 4.86 -12.02 -18.42
C TYR A 321 5.36 -10.96 -19.39
N SER A 322 4.44 -10.41 -20.17
CA SER A 322 4.75 -9.26 -21.00
C SER A 322 3.50 -8.41 -21.13
N GLY A 323 3.68 -7.12 -21.38
CA GLY A 323 2.55 -6.22 -21.47
C GLY A 323 2.84 -4.98 -22.27
N SER A 324 1.78 -4.34 -22.73
CA SER A 324 1.91 -3.11 -23.48
C SER A 324 1.98 -1.91 -22.52
N PHE A 325 2.65 -0.87 -22.97
CA PHE A 325 2.46 0.46 -22.40
C PHE A 325 2.66 1.48 -23.50
N VAL A 326 1.97 2.61 -23.41
CA VAL A 326 2.04 3.60 -24.47
C VAL A 326 2.65 4.90 -23.99
N GLN A 327 3.13 5.69 -24.93
CA GLN A 327 3.59 7.03 -24.63
C GLN A 327 2.73 8.00 -25.44
N HIS A 328 2.01 8.87 -24.74
CA HIS A 328 1.10 9.80 -25.36
C HIS A 328 1.85 10.98 -25.95
N PRO A 329 1.27 11.62 -26.98
CA PRO A 329 1.86 12.80 -27.61
C PRO A 329 2.18 13.88 -26.58
N GLU A 330 1.41 13.93 -25.49
CA GLU A 330 1.69 14.88 -24.41
C GLU A 330 3.07 14.66 -23.80
N LEU A 331 3.60 13.45 -23.97
CA LEU A 331 4.91 13.11 -23.43
C LEU A 331 6.01 13.16 -24.51
N THR A 332 5.66 12.74 -25.73
CA THR A 332 6.64 12.55 -26.78
C THR A 332 6.75 13.74 -27.73
N GLY A 333 5.65 14.48 -27.89
CA GLY A 333 5.60 15.55 -28.86
C GLY A 333 5.25 15.06 -30.25
N LEU A 334 4.94 13.76 -30.35
CA LEU A 334 4.51 13.18 -31.62
C LEU A 334 3.03 13.46 -31.87
N ASP A 335 2.54 13.10 -33.05
CA ASP A 335 1.13 13.30 -33.38
C ASP A 335 0.37 11.99 -33.35
N CYS A 336 0.95 11.00 -32.68
CA CYS A 336 0.33 9.68 -32.55
C CYS A 336 0.72 9.03 -31.24
N ILE A 337 -0.03 8.00 -30.85
CA ILE A 337 0.26 7.28 -29.61
C ILE A 337 1.29 6.19 -29.88
N ARG A 338 2.44 6.29 -29.22
CA ARG A 338 3.53 5.34 -29.44
C ARG A 338 3.37 4.07 -28.61
N PRO A 339 3.45 2.91 -29.27
CA PRO A 339 3.37 1.61 -28.58
C PRO A 339 4.73 1.22 -28.03
N CYS A 340 4.75 0.77 -26.77
CA CYS A 340 5.94 0.19 -26.18
C CYS A 340 5.52 -1.11 -25.52
N PHE A 341 6.49 -1.92 -25.10
CA PHE A 341 6.17 -3.13 -24.35
C PHE A 341 7.29 -3.52 -23.39
N TRP A 342 6.92 -4.23 -22.34
CA TRP A 342 7.90 -4.73 -21.38
C TRP A 342 7.81 -6.24 -21.30
N VAL A 343 8.90 -6.86 -20.89
CA VAL A 343 8.94 -8.30 -20.67
C VAL A 343 9.50 -8.60 -19.29
N GLU A 344 8.80 -9.44 -18.55
CA GLU A 344 9.26 -9.90 -17.25
C GLU A 344 10.14 -11.13 -17.45
N LEU A 345 11.34 -11.10 -16.90
CA LEU A 345 12.26 -12.24 -16.98
C LEU A 345 12.28 -12.98 -15.66
N ILE A 346 11.50 -14.06 -15.57
CA ILE A 346 11.32 -14.76 -14.30
C ILE A 346 12.46 -15.73 -14.00
N ARG A 347 13.01 -15.65 -12.80
CA ARG A 347 14.04 -16.56 -12.34
C ARG A 347 13.59 -17.30 -11.08
N GLY A 348 14.08 -18.52 -10.90
CA GLY A 348 13.76 -19.28 -9.70
C GLY A 348 12.74 -20.38 -9.91
N ARG A 349 11.88 -20.59 -8.91
CA ARG A 349 10.87 -21.63 -8.97
C ARG A 349 9.77 -21.30 -9.98
N PRO A 350 9.14 -22.32 -10.56
CA PRO A 350 9.37 -23.74 -10.24
C PRO A 350 10.46 -24.42 -11.06
N LYS A 351 10.96 -23.76 -12.11
CA LYS A 351 11.87 -24.39 -13.06
C LYS A 351 13.31 -24.48 -12.58
N GLU A 352 13.69 -23.60 -11.66
CA GLU A 352 15.07 -23.58 -11.17
C GLU A 352 15.14 -23.98 -9.70
N ASN A 353 16.30 -24.49 -9.29
CA ASN A 353 16.47 -25.05 -7.95
C ASN A 353 16.78 -24.01 -6.88
N THR A 354 15.79 -23.18 -6.58
CA THR A 354 15.94 -22.12 -5.59
C THR A 354 14.80 -22.21 -4.60
N ILE A 355 14.87 -21.42 -3.53
CA ILE A 355 13.77 -21.34 -2.59
C ILE A 355 12.83 -20.21 -2.97
N TRP A 356 13.24 -19.42 -3.95
CA TRP A 356 12.56 -18.16 -4.27
C TRP A 356 12.20 -18.03 -5.75
N THR A 357 11.31 -17.08 -6.03
CA THR A 357 10.95 -16.71 -7.39
C THR A 357 10.96 -15.19 -7.50
N SER A 358 11.62 -14.67 -8.52
CA SER A 358 11.66 -13.22 -8.74
C SER A 358 11.93 -12.92 -10.21
N GLY A 359 11.65 -11.69 -10.61
CA GLY A 359 11.86 -11.31 -12.00
C GLY A 359 12.61 -10.01 -12.17
N SER A 360 13.25 -9.88 -13.33
CA SER A 360 13.78 -8.58 -13.75
C SER A 360 12.98 -8.16 -14.97
N SER A 361 13.33 -7.04 -15.59
CA SER A 361 12.55 -6.59 -16.72
C SER A 361 13.38 -5.94 -17.81
N ILE A 362 12.83 -5.94 -19.01
CA ILE A 362 13.36 -5.20 -20.15
C ILE A 362 12.17 -4.53 -20.82
N SER A 363 12.42 -3.47 -21.56
CA SER A 363 11.34 -2.81 -22.29
C SER A 363 11.82 -2.27 -23.62
N PHE A 364 10.89 -2.14 -24.55
CA PHE A 364 11.20 -1.68 -25.90
C PHE A 364 10.12 -0.71 -26.35
N CYS A 365 10.46 0.19 -27.25
CA CYS A 365 9.48 1.09 -27.85
C CYS A 365 9.49 0.99 -29.38
N GLY A 366 8.31 1.10 -29.98
CA GLY A 366 8.19 0.97 -31.42
C GLY A 366 8.68 2.19 -32.17
N VAL A 367 9.48 1.96 -33.21
CA VAL A 367 10.03 3.02 -34.03
C VAL A 367 9.90 2.67 -35.51
N ASN A 368 10.16 3.64 -36.37
CA ASN A 368 10.17 3.41 -37.81
C ASN A 368 11.57 3.53 -38.39
N SER A 369 12.56 3.68 -37.52
CA SER A 369 13.96 3.69 -37.93
C SER A 369 14.54 2.28 -37.76
N ASP A 370 15.81 2.11 -38.12
CA ASP A 370 16.44 0.80 -38.09
C ASP A 370 16.50 0.20 -36.68
N THR A 371 16.25 -1.10 -36.61
CA THR A 371 16.34 -1.83 -35.34
C THR A 371 17.06 -3.15 -35.56
N VAL A 372 17.25 -3.91 -34.49
CA VAL A 372 17.93 -5.19 -34.59
C VAL A 372 17.43 -6.18 -33.55
N GLY A 373 17.38 -7.45 -33.93
CA GLY A 373 17.02 -8.51 -33.00
C GLY A 373 18.23 -8.97 -32.24
N TRP A 374 18.02 -9.42 -31.01
CA TRP A 374 19.12 -9.93 -30.19
C TRP A 374 18.53 -10.69 -29.01
N SER A 375 19.33 -10.87 -27.98
CA SER A 375 18.85 -11.46 -26.74
C SER A 375 19.34 -10.65 -25.55
N TRP A 376 18.40 -10.09 -24.80
CA TRP A 376 18.72 -9.35 -23.58
C TRP A 376 18.12 -10.07 -22.39
N PRO A 377 18.77 -11.16 -21.94
CA PRO A 377 18.21 -12.03 -20.90
C PRO A 377 18.46 -11.47 -19.51
N ASP A 378 17.95 -12.17 -18.49
CA ASP A 378 18.14 -11.75 -17.11
C ASP A 378 19.62 -11.73 -16.73
N GLY A 379 20.31 -12.83 -16.98
CA GLY A 379 21.74 -12.89 -16.82
C GLY A 379 22.24 -13.26 -15.43
N ALA A 380 21.32 -13.56 -14.52
CA ALA A 380 21.70 -13.94 -13.17
C ALA A 380 22.20 -15.37 -13.11
N GLU A 381 23.14 -15.64 -12.23
CA GLU A 381 23.65 -17.00 -12.02
C GLU A 381 23.02 -17.62 -10.78
N LEU A 382 22.15 -18.61 -10.99
CA LEU A 382 21.50 -19.32 -9.90
C LEU A 382 22.16 -20.67 -9.69
N PRO A 383 22.07 -21.22 -8.46
CA PRO A 383 21.34 -20.63 -7.33
C PRO A 383 22.13 -19.51 -6.64
N PHE A 384 21.49 -18.86 -5.67
CA PHE A 384 22.14 -17.82 -4.87
C PHE A 384 22.62 -18.41 -3.54
N THR A 385 23.34 -17.58 -2.76
CA THR A 385 23.88 -18.01 -1.47
C THR A 385 22.80 -18.53 -0.52
N ILE A 386 21.65 -17.86 -0.52
CA ILE A 386 20.53 -18.28 0.31
C ILE A 386 19.94 -19.55 -0.26
N ASP A 387 20.23 -19.78 -1.54
CA ASP A 387 19.66 -20.87 -2.34
C ASP A 387 18.66 -20.32 -3.35
N SER B 1 0.48 28.00 0.02
CA SER B 1 0.28 27.31 1.28
C SER B 1 -0.79 27.99 2.14
N VAL B 2 -1.75 27.20 2.61
CA VAL B 2 -2.84 27.72 3.42
C VAL B 2 -3.06 26.83 4.63
N LYS B 3 -3.33 27.43 5.79
CA LYS B 3 -3.51 26.64 7.00
C LYS B 3 -4.81 25.83 6.97
N LEU B 4 -4.75 24.64 7.56
CA LEU B 4 -5.90 23.76 7.63
C LEU B 4 -7.04 24.39 8.42
N ALA B 5 -8.24 24.34 7.87
CA ALA B 5 -9.41 24.90 8.55
C ALA B 5 -9.80 24.05 9.75
N GLY B 6 -9.96 22.75 9.53
CA GLY B 6 -10.34 21.84 10.58
C GLY B 6 -11.72 22.10 11.16
N ASN B 7 -12.61 22.67 10.35
CA ASN B 7 -13.92 23.05 10.84
C ASN B 7 -15.07 22.16 10.36
N SER B 8 -14.75 21.16 9.54
CA SER B 8 -15.76 20.21 9.07
C SER B 8 -15.85 19.03 10.03
N SER B 9 -16.89 18.21 9.85
CA SER B 9 -17.11 17.05 10.71
C SER B 9 -16.34 15.83 10.21
N LEU B 10 -16.26 14.79 11.03
CA LEU B 10 -15.68 13.52 10.61
C LEU B 10 -16.55 12.89 9.54
N CYS B 11 -15.90 12.32 8.52
CA CYS B 11 -16.62 11.56 7.51
C CYS B 11 -17.17 10.29 8.16
N PRO B 12 -18.49 10.07 8.05
CA PRO B 12 -19.03 8.79 8.51
C PRO B 12 -18.44 7.66 7.68
N VAL B 13 -18.14 6.53 8.30
CA VAL B 13 -17.53 5.41 7.60
C VAL B 13 -18.19 4.09 7.97
N SER B 14 -18.22 3.17 7.02
CA SER B 14 -18.85 1.87 7.25
C SER B 14 -17.82 0.77 7.40
N GLY B 15 -16.58 1.07 7.04
CA GLY B 15 -15.52 0.09 7.08
C GLY B 15 -14.16 0.69 6.77
N TRP B 16 -13.13 -0.15 6.81
CA TRP B 16 -11.77 0.33 6.69
C TRP B 16 -11.01 -0.38 5.57
N ALA B 17 -10.46 0.40 4.64
CA ALA B 17 -9.69 -0.12 3.53
C ALA B 17 -8.22 0.03 3.82
N ILE B 18 -7.43 -1.01 3.54
CA ILE B 18 -6.01 -0.98 3.85
C ILE B 18 -5.30 0.07 3.01
N TYR B 19 -4.41 0.82 3.67
CA TYR B 19 -3.79 2.00 3.08
C TYR B 19 -2.30 1.79 2.86
N SER B 20 -1.63 1.17 3.84
CA SER B 20 -0.20 0.92 3.72
C SER B 20 0.27 -0.27 4.55
N LYS B 21 1.43 -0.81 4.16
CA LYS B 21 2.13 -1.84 4.91
C LYS B 21 3.59 -1.79 4.50
N ASP B 22 4.49 -1.64 5.48
CA ASP B 22 5.90 -1.41 5.15
C ASP B 22 6.79 -2.65 5.21
N ASN B 23 6.33 -3.72 5.86
CA ASN B 23 7.12 -4.95 5.94
C ASN B 23 8.53 -4.70 6.49
N SER B 24 8.64 -3.73 7.39
CA SER B 24 9.95 -3.28 7.88
C SER B 24 10.83 -4.39 8.45
N VAL B 25 10.26 -5.24 9.29
CA VAL B 25 11.06 -6.27 9.95
C VAL B 25 11.51 -7.35 8.97
N ARG B 26 10.61 -7.76 8.07
CA ARG B 26 10.96 -8.74 7.04
C ARG B 26 12.13 -8.24 6.19
N ILE B 27 12.07 -6.97 5.80
CA ILE B 27 13.10 -6.39 4.95
C ILE B 27 14.39 -6.17 5.72
N GLY B 28 14.26 -5.80 6.99
CA GLY B 28 15.41 -5.52 7.84
C GLY B 28 16.26 -6.74 8.13
N SER B 29 15.77 -7.91 7.75
CA SER B 29 16.55 -9.14 7.89
C SER B 29 17.84 -9.04 7.09
N LYS B 30 17.77 -8.34 5.95
CA LYS B 30 18.94 -8.14 5.10
C LYS B 30 19.22 -6.66 4.87
N GLY B 31 18.15 -5.88 4.67
CA GLY B 31 18.29 -4.48 4.34
C GLY B 31 18.72 -3.64 5.53
N ASP B 32 19.10 -2.40 5.26
CA ASP B 32 19.49 -1.49 6.33
C ASP B 32 18.29 -0.72 6.85
N VAL B 33 17.64 -1.31 7.85
CA VAL B 33 16.39 -0.78 8.38
C VAL B 33 16.54 -0.47 9.87
N PHE B 34 16.08 0.71 10.27
CA PHE B 34 16.17 1.12 11.65
C PHE B 34 15.42 0.17 12.58
N VAL B 35 16.00 -0.07 13.76
CA VAL B 35 15.23 -0.62 14.86
C VAL B 35 14.36 0.52 15.36
N ILE B 36 13.05 0.28 15.42
CA ILE B 36 12.13 1.34 15.81
C ILE B 36 11.01 0.82 16.69
N ARG B 37 10.30 1.75 17.32
CA ARG B 37 9.02 1.48 17.95
C ARG B 37 8.27 2.80 18.04
N GLU B 38 7.02 2.73 18.47
CA GLU B 38 6.20 3.92 18.57
C GLU B 38 6.12 4.68 17.25
N PRO B 39 5.78 3.97 16.16
CA PRO B 39 5.60 4.65 14.89
C PRO B 39 4.25 5.34 14.86
N PHE B 40 4.09 6.34 14.00
CA PHE B 40 2.78 6.94 13.78
C PHE B 40 2.75 7.68 12.45
N ILE B 41 1.55 7.86 11.92
CA ILE B 41 1.38 8.52 10.63
C ILE B 41 0.82 9.92 10.82
N SER B 42 1.27 10.84 9.97
CA SER B 42 0.70 12.18 9.93
C SER B 42 0.87 12.73 8.52
N CYS B 43 -0.11 13.53 8.08
CA CYS B 43 -0.15 14.00 6.70
C CYS B 43 -0.08 15.52 6.60
N SER B 44 0.46 16.00 5.48
CA SER B 44 0.39 17.41 5.14
C SER B 44 -0.64 17.56 4.03
N PRO B 45 -0.81 18.78 3.51
CA PRO B 45 -1.71 18.96 2.37
C PRO B 45 -1.19 18.24 1.12
N LEU B 46 0.04 17.75 1.19
CA LEU B 46 0.69 17.16 0.02
C LEU B 46 1.02 15.68 0.17
N GLU B 47 1.44 15.26 1.35
CA GLU B 47 1.86 13.87 1.55
C GLU B 47 1.63 13.36 2.97
N CYS B 48 1.60 12.04 3.10
CA CYS B 48 1.51 11.40 4.41
C CYS B 48 2.85 10.75 4.73
N ARG B 49 3.30 10.90 5.96
CA ARG B 49 4.60 10.40 6.37
C ARG B 49 4.47 9.48 7.58
N THR B 50 5.38 8.52 7.68
CA THR B 50 5.47 7.68 8.86
C THR B 50 6.56 8.24 9.77
N PHE B 51 6.17 8.65 10.97
CA PHE B 51 7.14 9.07 11.98
C PHE B 51 7.44 7.88 12.87
N PHE B 52 8.61 7.89 13.50
CA PHE B 52 9.01 6.77 14.33
C PHE B 52 10.18 7.11 15.23
N LEU B 53 10.28 6.42 16.36
CA LEU B 53 11.40 6.58 17.27
C LEU B 53 12.42 5.48 17.04
N THR B 54 13.56 5.83 16.47
CA THR B 54 14.63 4.86 16.27
C THR B 54 15.27 4.52 17.60
N GLN B 55 16.06 3.46 17.60
CA GLN B 55 16.91 3.13 18.74
C GLN B 55 18.36 3.44 18.38
N GLY B 56 18.54 4.25 17.33
CA GLY B 56 19.86 4.62 16.86
C GLY B 56 20.66 3.41 16.42
N ALA B 57 19.97 2.43 15.84
CA ALA B 57 20.59 1.18 15.42
C ALA B 57 19.80 0.51 14.31
N LEU B 58 20.43 -0.46 13.65
CA LEU B 58 19.79 -1.20 12.57
C LEU B 58 19.43 -2.61 12.98
N LEU B 59 18.41 -3.18 12.33
CA LEU B 59 18.03 -4.56 12.56
C LEU B 59 19.16 -5.50 12.16
N ASN B 60 19.28 -6.61 12.88
CA ASN B 60 20.29 -7.63 12.59
C ASN B 60 21.72 -7.13 12.80
N ASP B 61 21.87 -6.12 13.64
CA ASP B 61 23.20 -5.65 14.03
C ASP B 61 23.31 -5.67 15.55
N LYS B 62 24.53 -5.80 16.05
CA LYS B 62 24.74 -5.96 17.48
C LYS B 62 24.20 -4.79 18.31
N HIS B 63 24.11 -3.62 17.70
CA HIS B 63 23.63 -2.45 18.43
C HIS B 63 22.12 -2.47 18.68
N SER B 64 21.43 -3.43 18.07
CA SER B 64 20.00 -3.62 18.31
C SER B 64 19.80 -4.31 19.66
N ASN B 65 20.89 -4.77 20.25
CA ASN B 65 20.87 -5.46 21.53
C ASN B 65 20.27 -4.59 22.63
N GLY B 66 19.35 -5.17 23.40
CA GLY B 66 18.75 -4.48 24.53
C GLY B 66 17.73 -3.40 24.18
N THR B 67 17.22 -3.42 22.95
CA THR B 67 16.32 -2.37 22.49
C THR B 67 14.88 -2.48 23.00
N ILE B 68 14.63 -3.42 23.91
CA ILE B 68 13.36 -3.44 24.61
C ILE B 68 13.27 -2.17 25.45
N LYS B 69 14.42 -1.60 25.78
CA LYS B 69 14.50 -0.43 26.66
C LYS B 69 13.80 0.78 26.04
N ASP B 70 13.02 1.48 26.86
CA ASP B 70 12.18 2.57 26.37
C ASP B 70 12.91 3.88 26.08
N ARG B 71 13.84 4.26 26.94
CA ARG B 71 14.46 5.58 26.84
C ARG B 71 15.99 5.53 26.87
N SER B 72 16.60 6.31 26.00
CA SER B 72 18.06 6.41 25.96
C SER B 72 18.44 7.66 25.16
N PRO B 73 19.72 8.06 25.26
CA PRO B 73 20.21 9.25 24.54
C PRO B 73 20.30 9.02 23.04
N TYR B 74 20.13 7.77 22.60
CA TYR B 74 20.35 7.42 21.20
C TYR B 74 19.07 7.48 20.36
N ARG B 75 17.92 7.40 21.02
CA ARG B 75 16.65 7.41 20.30
C ARG B 75 16.41 8.73 19.60
N THR B 76 15.97 8.66 18.34
CA THR B 76 15.68 9.86 17.58
C THR B 76 14.34 9.74 16.84
N LEU B 77 13.62 10.85 16.75
CA LEU B 77 12.43 10.91 15.94
C LEU B 77 12.84 11.16 14.50
N MET B 78 12.40 10.28 13.60
CA MET B 78 12.67 10.45 12.18
C MET B 78 11.39 10.14 11.42
N SER B 79 11.38 10.40 10.11
CA SER B 79 10.19 10.14 9.31
C SER B 79 10.56 9.75 7.89
N CYS B 80 9.66 9.01 7.25
CA CYS B 80 9.81 8.64 5.84
C CYS B 80 8.44 8.60 5.19
N PRO B 81 8.39 8.58 3.85
CA PRO B 81 7.10 8.48 3.18
C PRO B 81 6.35 7.25 3.66
N ILE B 82 5.03 7.34 3.73
CA ILE B 82 4.22 6.23 4.24
C ILE B 82 4.41 4.98 3.40
N GLY B 83 4.56 3.84 4.05
CA GLY B 83 4.66 2.57 3.37
C GLY B 83 6.09 2.14 3.03
N GLU B 84 7.04 3.07 3.16
CA GLU B 84 8.44 2.74 2.93
C GLU B 84 9.06 2.26 4.22
N VAL B 85 10.09 1.42 4.13
CA VAL B 85 10.79 0.97 5.33
C VAL B 85 11.60 2.13 5.91
N PRO B 86 11.66 2.22 7.24
CA PRO B 86 12.44 3.26 7.90
C PRO B 86 13.94 2.95 7.80
N SER B 87 14.61 3.57 6.83
CA SER B 87 16.03 3.33 6.62
C SER B 87 16.82 4.63 6.75
N PRO B 88 18.11 4.52 7.08
CA PRO B 88 18.95 5.73 7.12
C PRO B 88 19.07 6.36 5.74
N TYR B 89 18.65 5.64 4.70
CA TYR B 89 18.83 6.14 3.33
C TYR B 89 17.59 6.85 2.77
N ASN B 90 16.46 6.74 3.46
CA ASN B 90 15.25 7.39 3.00
C ASN B 90 14.53 8.16 4.10
N SER B 91 15.16 8.29 5.26
CA SER B 91 14.52 8.92 6.41
C SER B 91 15.01 10.33 6.71
N ARG B 92 14.08 11.24 6.94
CA ARG B 92 14.40 12.59 7.35
C ARG B 92 14.55 12.66 8.87
N PHE B 93 15.58 13.34 9.35
CA PHE B 93 15.76 13.50 10.79
C PHE B 93 14.84 14.60 11.30
N GLU B 94 14.18 14.35 12.43
CA GLU B 94 13.25 15.31 12.99
C GLU B 94 13.76 15.89 14.32
N SER B 95 14.06 15.02 15.27
CA SER B 95 14.44 15.45 16.61
C SER B 95 15.09 14.31 17.39
N VAL B 96 15.81 14.65 18.46
CA VAL B 96 16.31 13.64 19.38
C VAL B 96 15.21 13.41 20.40
N ALA B 97 14.74 12.17 20.52
CA ALA B 97 13.55 11.93 21.33
C ALA B 97 13.29 10.47 21.67
N TRP B 98 12.78 10.24 22.89
CA TRP B 98 12.26 8.93 23.26
C TRP B 98 10.75 8.99 23.52
N SER B 99 10.18 10.16 23.26
CA SER B 99 8.74 10.35 23.23
C SER B 99 8.45 11.52 22.30
N ALA B 100 7.41 11.42 21.49
CA ALA B 100 7.23 12.41 20.44
C ALA B 100 5.81 12.60 19.93
N SER B 101 5.63 13.68 19.17
CA SER B 101 4.39 13.96 18.46
C SER B 101 4.75 14.84 17.27
N ALA B 102 3.88 14.89 16.27
CA ALA B 102 4.13 15.74 15.12
C ALA B 102 2.83 15.98 14.34
N CYS B 103 2.77 17.10 13.65
CA CYS B 103 1.61 17.44 12.82
C CYS B 103 1.88 18.63 11.92
N HIS B 104 1.08 18.75 10.86
CA HIS B 104 1.24 19.82 9.88
C HIS B 104 0.04 20.76 9.97
N ASP B 105 0.30 22.07 10.09
CA ASP B 105 -0.79 23.03 10.22
C ASP B 105 -1.30 23.52 8.87
N GLY B 106 -0.73 22.99 7.80
CA GLY B 106 -1.07 23.41 6.46
C GLY B 106 0.04 24.22 5.83
N ILE B 107 0.89 24.79 6.68
CA ILE B 107 2.03 25.59 6.21
C ILE B 107 3.34 24.85 6.45
N ASN B 108 3.58 24.43 7.69
CA ASN B 108 4.82 23.74 8.04
C ASN B 108 4.61 22.60 9.02
N TRP B 109 5.62 21.76 9.16
CA TRP B 109 5.59 20.66 10.13
C TRP B 109 5.93 21.16 11.53
N LEU B 110 5.15 20.72 12.50
CA LEU B 110 5.50 20.88 13.90
C LEU B 110 5.95 19.53 14.43
N THR B 111 7.10 19.49 15.08
CA THR B 111 7.53 18.27 15.74
C THR B 111 7.81 18.54 17.21
N ILE B 112 7.49 17.56 18.05
CA ILE B 112 7.77 17.65 19.47
C ILE B 112 8.56 16.40 19.86
N GLY B 113 9.77 16.62 20.38
CA GLY B 113 10.65 15.53 20.73
C GLY B 113 11.16 15.68 22.14
N ILE B 114 10.92 14.66 22.96
CA ILE B 114 11.31 14.69 24.37
C ILE B 114 12.55 13.83 24.60
N SER B 115 13.58 14.43 25.17
CA SER B 115 14.79 13.71 25.54
C SER B 115 15.30 14.20 26.88
N GLY B 116 16.43 13.66 27.32
CA GLY B 116 16.97 14.02 28.62
C GLY B 116 16.68 12.95 29.66
N PRO B 117 17.05 13.22 30.92
CA PRO B 117 16.91 12.26 32.03
C PRO B 117 15.47 12.10 32.48
N ASP B 118 15.16 10.96 33.08
CA ASP B 118 13.81 10.66 33.56
C ASP B 118 13.29 11.74 34.53
N ASN B 119 14.20 12.34 35.29
CA ASN B 119 13.81 13.28 36.33
C ASN B 119 13.84 14.75 35.90
N GLY B 120 14.07 14.99 34.62
CA GLY B 120 14.13 16.35 34.11
C GLY B 120 14.08 16.44 32.60
N ALA B 121 13.21 15.65 31.99
CA ALA B 121 13.10 15.61 30.54
C ALA B 121 12.66 16.94 29.95
N VAL B 122 13.10 17.21 28.72
CA VAL B 122 12.73 18.44 28.04
C VAL B 122 12.14 18.17 26.67
N ALA B 123 10.95 18.71 26.43
CA ALA B 123 10.32 18.62 25.12
C ALA B 123 10.84 19.75 24.23
N VAL B 124 11.47 19.40 23.12
CA VAL B 124 11.93 20.38 22.16
C VAL B 124 10.92 20.51 21.03
N LEU B 125 10.39 21.71 20.83
CA LEU B 125 9.44 21.98 19.76
C LEU B 125 10.14 22.59 18.56
N LYS B 126 9.86 22.05 17.38
CA LYS B 126 10.41 22.57 16.13
C LYS B 126 9.31 22.88 15.13
N TYR B 127 9.45 23.99 14.44
CA TYR B 127 8.53 24.37 13.38
C TYR B 127 9.37 24.53 12.12
N ASN B 128 9.08 23.74 11.10
CA ASN B 128 9.91 23.70 9.90
C ASN B 128 11.38 23.38 10.24
N GLY B 129 11.58 22.52 11.24
CA GLY B 129 12.91 22.06 11.59
C GLY B 129 13.74 23.04 12.41
N ILE B 130 13.13 24.15 12.81
CA ILE B 130 13.80 25.14 13.63
C ILE B 130 13.24 25.11 15.05
N ILE B 131 14.12 25.10 16.05
CA ILE B 131 13.66 25.09 17.44
C ILE B 131 12.88 26.36 17.75
N THR B 132 11.66 26.19 18.27
CA THR B 132 10.76 27.32 18.51
C THR B 132 10.35 27.43 19.96
N ASP B 133 10.56 26.37 20.73
CA ASP B 133 10.15 26.38 22.13
C ASP B 133 10.60 25.10 22.83
N THR B 134 10.59 25.15 24.15
CA THR B 134 10.85 23.97 24.95
C THR B 134 9.91 23.98 26.15
N ILE B 135 9.63 22.80 26.67
CA ILE B 135 8.88 22.69 27.91
C ILE B 135 9.52 21.57 28.74
N LYS B 136 9.86 21.88 29.98
CA LYS B 136 10.57 20.94 30.83
C LYS B 136 9.64 20.27 31.83
N SER B 137 9.98 19.03 32.18
CA SER B 137 9.23 18.24 33.15
C SER B 137 8.85 19.08 34.37
N TRP B 138 7.58 19.01 34.77
CA TRP B 138 7.11 19.77 35.92
C TRP B 138 6.84 18.89 37.14
N ARG B 139 6.90 17.59 36.96
CA ARG B 139 6.77 16.65 38.08
C ARG B 139 8.02 15.79 38.22
N ASN B 140 9.01 16.03 37.36
CA ASN B 140 10.28 15.30 37.41
C ASN B 140 10.09 13.79 37.35
N ASN B 141 9.11 13.34 36.56
CA ASN B 141 8.84 11.90 36.47
C ASN B 141 8.42 11.47 35.07
N ILE B 142 9.40 11.42 34.16
CA ILE B 142 9.19 10.96 32.79
C ILE B 142 8.13 11.75 32.03
N LEU B 143 8.43 13.02 31.73
CA LEU B 143 7.58 13.80 30.84
C LEU B 143 7.37 13.01 29.57
N ARG B 144 6.12 12.86 29.14
CA ARG B 144 5.81 12.02 27.98
C ARG B 144 4.60 12.54 27.21
N THR B 145 4.54 12.22 25.92
CA THR B 145 3.48 12.76 25.07
C THR B 145 2.78 11.69 24.22
N GLN B 146 2.18 12.11 23.11
CA GLN B 146 1.24 11.27 22.37
C GLN B 146 1.78 9.98 21.75
N GLU B 147 2.94 10.06 21.10
CA GLU B 147 3.40 8.97 20.24
C GLU B 147 2.45 8.82 19.05
N SER B 148 1.72 9.89 18.74
CA SER B 148 0.93 9.97 17.51
C SER B 148 0.76 11.44 17.13
N GLU B 149 0.05 11.71 16.04
CA GLU B 149 -0.01 13.07 15.51
C GLU B 149 -0.77 14.03 16.43
N CYS B 150 -0.25 15.26 16.55
CA CYS B 150 -1.01 16.31 17.20
C CYS B 150 -2.16 16.74 16.27
N ALA B 151 -3.03 17.60 16.75
CA ALA B 151 -4.20 18.01 15.97
C ALA B 151 -4.22 19.50 15.72
N CYS B 152 -4.53 19.89 14.48
CA CYS B 152 -4.47 21.29 14.08
C CYS B 152 -5.81 21.85 13.62
N VAL B 153 -6.11 23.07 14.07
CA VAL B 153 -7.31 23.79 13.66
C VAL B 153 -6.97 25.27 13.47
N ASN B 154 -7.25 25.80 12.29
CA ASN B 154 -7.02 27.21 11.97
C ASN B 154 -5.67 27.77 12.45
N GLY B 155 -4.59 27.06 12.15
CA GLY B 155 -3.27 27.57 12.45
C GLY B 155 -2.79 27.29 13.87
N SER B 156 -3.64 26.64 14.66
CA SER B 156 -3.25 26.24 16.00
C SER B 156 -3.21 24.73 16.08
N CYS B 157 -2.16 24.20 16.69
CA CYS B 157 -2.03 22.76 16.87
C CYS B 157 -2.04 22.42 18.35
N PHE B 158 -2.60 21.27 18.69
CA PHE B 158 -2.85 20.91 20.08
C PHE B 158 -2.30 19.54 20.42
N THR B 159 -1.74 19.41 21.61
CA THR B 159 -1.24 18.12 22.08
C THR B 159 -1.46 17.98 23.58
N VAL B 160 -1.27 16.77 24.09
CA VAL B 160 -1.42 16.50 25.51
C VAL B 160 -0.13 15.86 26.02
N MET B 161 0.33 16.29 27.19
CA MET B 161 1.51 15.70 27.80
C MET B 161 1.23 15.26 29.22
N THR B 162 1.96 14.24 29.67
CA THR B 162 1.79 13.69 31.00
C THR B 162 3.12 13.68 31.74
N ASP B 163 3.06 13.88 33.06
CA ASP B 163 4.25 13.85 33.90
C ASP B 163 3.80 13.32 35.25
N GLY B 164 4.53 12.34 35.78
CA GLY B 164 4.13 11.70 37.02
C GLY B 164 4.07 10.19 36.88
N PRO B 165 3.59 9.50 37.93
CA PRO B 165 3.57 8.04 38.02
C PRO B 165 2.83 7.37 36.86
N SER B 166 3.28 6.17 36.51
CA SER B 166 2.62 5.37 35.49
C SER B 166 1.64 4.41 36.16
N ASN B 167 1.69 4.34 37.48
CA ASN B 167 0.88 3.41 38.26
C ASN B 167 0.04 4.10 39.33
N GLY B 168 -0.25 5.38 39.11
CA GLY B 168 -1.02 6.15 40.07
C GLY B 168 -1.38 7.51 39.51
N GLN B 169 -1.99 8.35 40.34
CA GLN B 169 -2.38 9.68 39.89
C GLN B 169 -1.18 10.43 39.32
N ALA B 170 -1.35 10.99 38.13
CA ALA B 170 -0.30 11.79 37.52
C ALA B 170 -0.84 13.16 37.13
N SER B 171 -0.06 13.92 36.37
CA SER B 171 -0.44 15.26 35.96
C SER B 171 -0.56 15.34 34.44
N TYR B 172 -1.64 15.94 33.96
CA TYR B 172 -1.94 15.99 32.53
C TYR B 172 -2.19 17.43 32.07
N LYS B 173 -1.51 17.84 31.01
CA LYS B 173 -1.64 19.19 30.49
C LYS B 173 -1.98 19.21 29.02
N ILE B 174 -2.81 20.17 28.62
CA ILE B 174 -3.14 20.39 27.21
C ILE B 174 -2.40 21.63 26.74
N PHE B 175 -1.88 21.58 25.52
CA PHE B 175 -1.13 22.70 24.98
C PHE B 175 -1.71 23.22 23.67
N ARG B 176 -1.72 24.54 23.53
CA ARG B 176 -2.04 25.17 22.26
C ARG B 176 -0.77 25.77 21.67
N ILE B 177 -0.43 25.36 20.47
CA ILE B 177 0.84 25.73 19.86
C ILE B 177 0.62 26.41 18.51
N GLU B 178 1.22 27.57 18.34
CA GLU B 178 1.13 28.31 17.08
C GLU B 178 2.50 28.59 16.51
N LYS B 179 2.75 28.10 15.30
CA LYS B 179 4.06 28.23 14.66
C LYS B 179 5.18 27.77 15.59
N GLY B 180 4.94 26.69 16.32
CA GLY B 180 5.96 26.08 17.14
C GLY B 180 6.10 26.70 18.52
N LYS B 181 5.30 27.73 18.79
CA LYS B 181 5.35 28.43 20.06
C LYS B 181 4.14 28.09 20.93
N ILE B 182 4.40 27.67 22.16
CA ILE B 182 3.32 27.42 23.11
C ILE B 182 2.67 28.76 23.49
N VAL B 183 1.39 28.93 23.13
CA VAL B 183 0.70 30.19 23.40
C VAL B 183 -0.28 30.04 24.55
N LYS B 184 -0.58 28.80 24.91
CA LYS B 184 -1.44 28.54 26.05
C LYS B 184 -1.36 27.08 26.49
N SER B 185 -1.56 26.86 27.79
CA SER B 185 -1.63 25.51 28.33
C SER B 185 -2.54 25.51 29.54
N VAL B 186 -3.04 24.32 29.90
CA VAL B 186 -3.85 24.19 31.08
C VAL B 186 -3.67 22.79 31.64
N GLU B 187 -3.63 22.67 32.97
CA GLU B 187 -3.59 21.36 33.59
C GLU B 187 -5.00 20.85 33.79
N MET B 188 -5.25 19.63 33.32
CA MET B 188 -6.57 19.01 33.48
C MET B 188 -6.82 18.66 34.94
N ASN B 189 -7.99 19.07 35.43
CA ASN B 189 -8.43 18.69 36.77
C ASN B 189 -9.11 17.33 36.69
N ALA B 190 -8.32 16.27 36.83
CA ALA B 190 -8.81 14.91 36.59
C ALA B 190 -8.41 13.93 37.69
N PRO B 191 -8.92 14.17 38.92
CA PRO B 191 -8.68 13.25 40.04
C PRO B 191 -9.21 11.87 39.69
N ASN B 192 -8.41 10.85 39.93
CA ASN B 192 -8.81 9.46 39.71
C ASN B 192 -8.80 9.05 38.23
N TYR B 193 -8.41 9.99 37.37
CA TYR B 193 -8.20 9.71 35.95
C TYR B 193 -6.72 9.46 35.70
N HIS B 194 -6.42 8.76 34.62
CA HIS B 194 -5.04 8.60 34.16
C HIS B 194 -4.98 8.72 32.64
N TYR B 195 -4.16 9.65 32.16
CA TYR B 195 -4.04 9.90 30.72
C TYR B 195 -2.62 9.70 30.23
N GLU B 196 -2.46 8.85 29.22
CA GLU B 196 -1.17 8.67 28.55
C GLU B 196 -1.38 8.44 27.06
N GLU B 197 -0.40 8.87 26.27
CA GLU B 197 -0.34 8.53 24.84
C GLU B 197 -1.66 8.77 24.11
N CYS B 198 -2.19 9.98 24.22
CA CYS B 198 -3.47 10.31 23.60
C CYS B 198 -3.43 10.27 22.08
N SER B 199 -4.49 9.74 21.49
CA SER B 199 -4.71 9.85 20.05
C SER B 199 -5.75 10.94 19.83
N CYS B 200 -5.30 12.08 19.31
CA CYS B 200 -6.15 13.25 19.17
C CYS B 200 -6.44 13.58 17.71
N TYR B 201 -7.66 14.01 17.44
CA TYR B 201 -8.03 14.40 16.08
C TYR B 201 -8.98 15.59 16.14
N PRO B 202 -8.97 16.41 15.08
CA PRO B 202 -9.89 17.54 14.98
C PRO B 202 -11.24 17.12 14.43
N ASP B 203 -12.29 17.82 14.84
CA ASP B 203 -13.64 17.53 14.41
C ASP B 203 -14.50 18.75 14.72
N SER B 204 -14.97 19.42 13.67
CA SER B 204 -15.83 20.59 13.84
C SER B 204 -15.17 21.65 14.73
N SER B 205 -13.91 21.97 14.44
CA SER B 205 -13.19 23.05 15.11
C SER B 205 -12.79 22.75 16.56
N GLU B 206 -13.04 21.52 17.01
CA GLU B 206 -12.65 21.12 18.36
C GLU B 206 -11.82 19.84 18.32
N ILE B 207 -11.13 19.55 19.43
CA ILE B 207 -10.23 18.40 19.49
C ILE B 207 -10.76 17.30 20.41
N THR B 208 -10.71 16.07 19.93
CA THR B 208 -11.10 14.91 20.73
C THR B 208 -9.90 13.97 20.86
N CYS B 209 -9.58 13.60 22.10
CA CYS B 209 -8.48 12.69 22.37
C CYS B 209 -8.96 11.44 23.08
N VAL B 210 -8.49 10.29 22.62
CA VAL B 210 -8.74 9.02 23.31
C VAL B 210 -7.39 8.44 23.71
N CYS B 211 -7.25 8.12 24.99
CA CYS B 211 -5.94 7.88 25.56
C CYS B 211 -5.82 6.55 26.30
N ARG B 212 -4.76 6.44 27.10
CA ARG B 212 -4.44 5.21 27.81
C ARG B 212 -4.39 5.46 29.31
N ASP B 213 -5.18 4.69 30.07
CA ASP B 213 -5.13 4.74 31.52
C ASP B 213 -4.26 3.59 32.00
N ASN B 214 -3.04 3.89 32.43
CA ASN B 214 -2.11 2.85 32.83
C ASN B 214 -2.26 2.51 34.31
N TRP B 215 -3.16 3.21 34.97
CA TRP B 215 -3.29 3.15 36.42
C TRP B 215 -4.34 2.13 36.85
N HIS B 216 -5.59 2.34 36.47
CA HIS B 216 -6.67 1.48 36.94
C HIS B 216 -7.91 1.51 36.06
N GLY B 217 -7.71 1.49 34.74
CA GLY B 217 -8.84 1.48 33.82
C GLY B 217 -8.61 0.61 32.60
N SER B 218 -9.49 -0.35 32.38
CA SER B 218 -9.39 -1.23 31.22
C SER B 218 -10.20 -0.68 30.03
N ASN B 219 -10.98 0.35 30.30
CA ASN B 219 -11.57 1.16 29.24
C ASN B 219 -10.70 2.39 29.02
N ARG B 220 -10.96 3.15 27.96
CA ARG B 220 -10.10 4.28 27.63
C ARG B 220 -10.68 5.63 28.08
N PRO B 221 -9.83 6.46 28.72
CA PRO B 221 -10.23 7.82 29.08
C PRO B 221 -10.22 8.71 27.84
N TRP B 222 -11.03 9.75 27.86
CA TRP B 222 -11.01 10.71 26.76
C TRP B 222 -11.02 12.13 27.30
N VAL B 223 -10.53 13.05 26.48
CA VAL B 223 -10.60 14.47 26.79
C VAL B 223 -10.86 15.22 25.49
N SER B 224 -11.82 16.14 25.53
CA SER B 224 -12.12 16.97 24.37
C SER B 224 -12.06 18.43 24.79
N PHE B 225 -11.69 19.29 23.85
CA PHE B 225 -11.54 20.71 24.15
C PHE B 225 -11.69 21.57 22.91
N ASN B 226 -12.04 22.84 23.12
CA ASN B 226 -12.07 23.79 22.02
C ASN B 226 -10.73 24.50 21.91
N GLN B 227 -10.61 25.45 20.99
CA GLN B 227 -9.34 26.11 20.74
C GLN B 227 -8.86 26.92 21.94
N ASN B 228 -9.79 27.31 22.81
CA ASN B 228 -9.44 28.05 24.01
C ASN B 228 -9.07 27.12 25.17
N LEU B 229 -9.05 25.82 24.88
CA LEU B 229 -8.64 24.80 25.84
C LEU B 229 -9.66 24.58 26.95
N GLU B 230 -10.90 24.99 26.71
CA GLU B 230 -12.00 24.63 27.60
C GLU B 230 -12.33 23.17 27.32
N TYR B 231 -12.16 22.32 28.33
CA TYR B 231 -12.19 20.87 28.10
C TYR B 231 -13.33 20.15 28.83
N GLN B 232 -13.58 18.92 28.39
CA GLN B 232 -14.44 17.99 29.11
C GLN B 232 -13.68 16.67 29.19
N ILE B 233 -13.97 15.87 30.20
CA ILE B 233 -13.30 14.59 30.38
C ILE B 233 -14.27 13.47 30.69
N GLY B 234 -13.84 12.23 30.46
CA GLY B 234 -14.64 11.07 30.76
C GLY B 234 -13.94 9.80 30.33
N TYR B 235 -14.66 8.68 30.39
CA TYR B 235 -14.18 7.41 29.89
C TYR B 235 -15.20 6.85 28.92
N ILE B 236 -14.74 6.07 27.94
CA ILE B 236 -15.66 5.40 27.03
C ILE B 236 -16.47 4.37 27.79
N CYS B 237 -17.80 4.49 27.70
CA CYS B 237 -18.72 3.73 28.55
C CYS B 237 -18.91 2.28 28.11
N SER B 238 -18.63 1.99 26.84
CA SER B 238 -18.93 0.68 26.27
C SER B 238 -18.36 -0.49 27.06
N GLY B 239 -19.12 -1.57 27.13
CA GLY B 239 -18.67 -2.80 27.76
C GLY B 239 -17.72 -3.53 26.83
N ILE B 240 -17.57 -3.01 25.62
CA ILE B 240 -16.55 -3.48 24.70
C ILE B 240 -15.26 -2.74 25.05
N PHE B 241 -14.53 -3.26 26.04
CA PHE B 241 -13.36 -2.56 26.58
C PHE B 241 -12.26 -2.41 25.54
N GLY B 242 -11.60 -1.24 25.54
CA GLY B 242 -10.68 -0.90 24.48
C GLY B 242 -9.20 -1.04 24.80
N ASP B 243 -8.86 -1.13 26.08
CA ASP B 243 -7.45 -1.20 26.46
C ASP B 243 -6.95 -2.64 26.42
N ASN B 244 -5.65 -2.78 26.65
CA ASN B 244 -5.01 -4.09 26.75
C ASN B 244 -3.92 -4.00 27.81
N PRO B 245 -4.01 -4.84 28.86
CA PRO B 245 -5.01 -5.89 29.03
C PRO B 245 -6.39 -5.35 29.42
N ARG B 246 -7.34 -6.26 29.56
CA ARG B 246 -8.72 -5.93 29.87
C ARG B 246 -9.45 -7.20 30.27
N PRO B 247 -10.67 -7.05 30.81
CA PRO B 247 -11.51 -8.21 31.11
C PRO B 247 -12.25 -8.64 29.85
N ASN B 248 -12.89 -9.80 29.90
CA ASN B 248 -13.82 -10.16 28.84
C ASN B 248 -14.94 -9.14 28.78
N ASP B 249 -15.52 -8.94 27.60
CA ASP B 249 -16.59 -7.96 27.44
C ASP B 249 -17.74 -8.24 28.40
N LYS B 250 -18.24 -7.19 29.04
CA LYS B 250 -19.37 -7.30 29.95
C LYS B 250 -19.97 -5.91 30.11
N THR B 251 -20.63 -5.66 31.24
CA THR B 251 -21.17 -4.34 31.51
C THR B 251 -20.05 -3.36 31.80
N GLY B 252 -20.07 -2.22 31.11
CA GLY B 252 -18.99 -1.25 31.23
C GLY B 252 -19.26 -0.18 32.25
N SER B 253 -18.44 0.86 32.23
CA SER B 253 -18.59 1.99 33.13
C SER B 253 -18.17 3.28 32.44
N CYS B 254 -18.80 4.38 32.82
CA CYS B 254 -18.43 5.69 32.30
C CYS B 254 -17.29 6.27 33.12
N GLY B 255 -16.82 5.49 34.09
CA GLY B 255 -15.62 5.79 34.84
C GLY B 255 -14.59 4.71 34.58
N PRO B 256 -13.41 4.82 35.20
CA PRO B 256 -12.35 3.83 34.97
C PRO B 256 -12.77 2.43 35.45
N VAL B 257 -12.67 1.46 34.55
CA VAL B 257 -12.97 0.07 34.90
C VAL B 257 -11.74 -0.57 35.54
N SER B 258 -11.83 -0.86 36.83
CA SER B 258 -10.69 -1.32 37.61
C SER B 258 -10.19 -2.71 37.22
N SER B 259 -11.10 -3.58 36.83
CA SER B 259 -10.74 -4.95 36.48
C SER B 259 -9.68 -4.96 35.36
N ASN B 260 -8.54 -5.57 35.65
CA ASN B 260 -7.43 -5.62 34.70
C ASN B 260 -7.04 -4.23 34.21
N GLY B 261 -7.22 -3.24 35.06
CA GLY B 261 -7.04 -1.85 34.70
C GLY B 261 -5.60 -1.36 34.71
N ALA B 262 -4.73 -2.03 35.45
CA ALA B 262 -3.32 -1.64 35.48
C ALA B 262 -2.65 -1.92 34.14
N ASN B 263 -1.61 -1.16 33.82
CA ASN B 263 -0.89 -1.33 32.56
C ASN B 263 -1.79 -0.96 31.39
N GLY B 264 -1.38 -1.27 30.17
CA GLY B 264 -2.19 -0.93 29.01
C GLY B 264 -1.41 -0.81 27.72
N VAL B 265 -2.02 -0.18 26.72
CA VAL B 265 -1.38 0.02 25.43
C VAL B 265 -1.96 1.26 24.78
N LYS B 266 -1.14 1.97 24.00
CA LYS B 266 -1.65 3.11 23.26
C LYS B 266 -2.72 2.66 22.28
N GLY B 267 -3.82 3.39 22.23
CA GLY B 267 -4.91 3.09 21.32
C GLY B 267 -5.67 4.34 20.90
N PHE B 268 -6.80 4.13 20.25
CA PHE B 268 -7.60 5.23 19.73
C PHE B 268 -9.05 4.82 19.61
N SER B 269 -9.90 5.79 19.33
CA SER B 269 -11.31 5.55 19.01
C SER B 269 -11.85 6.80 18.33
N PHE B 270 -12.84 6.62 17.46
CA PHE B 270 -13.50 7.74 16.81
C PHE B 270 -14.93 7.87 17.30
N LYS B 271 -15.28 9.06 17.79
CA LYS B 271 -16.61 9.33 18.32
C LYS B 271 -17.54 9.86 17.24
N TYR B 272 -18.73 9.26 17.14
CA TYR B 272 -19.79 9.73 16.27
C TYR B 272 -21.08 9.82 17.06
N GLY B 273 -21.36 10.99 17.61
CA GLY B 273 -22.51 11.15 18.49
C GLY B 273 -22.36 10.26 19.70
N ASN B 274 -23.35 9.41 19.95
CA ASN B 274 -23.28 8.45 21.05
C ASN B 274 -22.52 7.20 20.64
N GLY B 275 -22.19 7.09 19.36
CA GLY B 275 -21.52 5.93 18.82
C GLY B 275 -20.02 6.06 18.84
N VAL B 276 -19.33 4.94 18.63
CA VAL B 276 -17.88 4.94 18.65
C VAL B 276 -17.29 3.83 17.79
N TRP B 277 -16.30 4.18 16.97
CA TRP B 277 -15.47 3.18 16.30
C TRP B 277 -14.31 2.83 17.21
N ILE B 278 -14.27 1.59 17.67
CA ILE B 278 -13.23 1.15 18.59
C ILE B 278 -12.21 0.27 17.88
N GLY B 279 -10.95 0.65 17.97
CA GLY B 279 -9.85 -0.20 17.53
C GLY B 279 -9.23 -0.83 18.76
N ARG B 280 -9.02 -2.15 18.72
CA ARG B 280 -8.45 -2.83 19.88
C ARG B 280 -7.79 -4.15 19.50
N THR B 281 -6.94 -4.64 20.39
CA THR B 281 -6.35 -5.96 20.22
C THR B 281 -7.46 -7.00 20.26
N LYS B 282 -7.20 -8.20 19.74
CA LYS B 282 -8.16 -9.30 19.84
C LYS B 282 -7.99 -10.05 21.17
N SER B 283 -6.76 -10.12 21.66
CA SER B 283 -6.48 -10.75 22.94
C SER B 283 -6.77 -9.80 24.10
N ILE B 284 -7.30 -10.34 25.20
CA ILE B 284 -7.58 -9.53 26.37
C ILE B 284 -6.36 -9.41 27.29
N SER B 285 -5.35 -10.24 27.06
CA SER B 285 -4.21 -10.31 27.98
C SER B 285 -2.86 -9.96 27.34
N SER B 286 -2.80 -9.95 26.00
CA SER B 286 -1.55 -9.70 25.32
C SER B 286 -1.73 -8.84 24.07
N ARG B 287 -0.63 -8.30 23.57
CA ARG B 287 -0.68 -7.44 22.39
C ARG B 287 -0.66 -8.24 21.09
N ASN B 288 -1.73 -8.98 20.84
CA ASN B 288 -1.87 -9.69 19.58
C ASN B 288 -3.26 -9.55 18.97
N GLY B 289 -3.30 -9.60 17.64
CA GLY B 289 -4.54 -9.40 16.91
C GLY B 289 -4.97 -7.95 16.94
N PHE B 290 -5.84 -7.57 16.01
CA PHE B 290 -6.43 -6.24 16.02
C PHE B 290 -7.74 -6.28 15.27
N GLU B 291 -8.70 -5.48 15.73
CA GLU B 291 -10.02 -5.46 15.12
C GLU B 291 -10.63 -4.08 15.26
N MET B 292 -11.54 -3.75 14.34
CA MET B 292 -12.30 -2.51 14.42
C MET B 292 -13.76 -2.83 14.71
N ILE B 293 -14.31 -2.19 15.73
CA ILE B 293 -15.68 -2.46 16.15
C ILE B 293 -16.52 -1.18 16.14
N TRP B 294 -17.66 -1.24 15.46
CA TRP B 294 -18.61 -0.13 15.47
C TRP B 294 -19.68 -0.37 16.52
N ASP B 295 -19.72 0.49 17.52
CA ASP B 295 -20.70 0.39 18.58
C ASP B 295 -21.55 1.66 18.61
N PRO B 296 -22.78 1.58 18.08
CA PRO B 296 -23.68 2.71 17.85
C PRO B 296 -24.00 3.56 19.09
N ASN B 297 -23.86 2.99 20.29
CA ASN B 297 -24.06 3.78 21.50
C ASN B 297 -22.96 3.56 22.52
N GLY B 298 -21.79 3.15 22.03
CA GLY B 298 -20.69 2.76 22.90
C GLY B 298 -19.97 3.90 23.59
N TRP B 299 -20.17 5.12 23.12
CA TRP B 299 -19.53 6.26 23.77
C TRP B 299 -20.16 6.54 25.13
N THR B 300 -21.49 6.43 25.18
CA THR B 300 -22.22 6.78 26.39
C THR B 300 -22.99 5.61 27.02
N GLY B 301 -23.09 4.50 26.28
CA GLY B 301 -23.80 3.33 26.77
C GLY B 301 -22.86 2.26 27.32
N THR B 302 -23.32 1.52 28.33
CA THR B 302 -22.46 0.58 29.04
C THR B 302 -22.62 -0.88 28.64
N ASP B 303 -23.58 -1.18 27.76
CA ASP B 303 -23.79 -2.56 27.35
C ASP B 303 -22.64 -3.06 26.48
N ASN B 304 -22.58 -4.37 26.24
CA ASN B 304 -21.51 -4.95 25.44
C ASN B 304 -21.97 -5.43 24.07
N ASN B 305 -23.07 -4.86 23.58
CA ASN B 305 -23.55 -5.15 22.24
C ASN B 305 -22.89 -4.25 21.22
N PHE B 306 -22.70 -4.75 19.99
CA PHE B 306 -22.12 -3.95 18.92
C PHE B 306 -22.69 -4.36 17.57
N SER B 307 -22.46 -3.56 16.53
CA SER B 307 -23.08 -3.78 15.24
C SER B 307 -22.12 -4.32 14.18
N ILE B 308 -20.89 -3.82 14.18
CA ILE B 308 -19.92 -4.21 13.16
C ILE B 308 -18.58 -4.59 13.77
N LYS B 309 -17.99 -5.67 13.27
CA LYS B 309 -16.62 -6.02 13.62
C LYS B 309 -15.83 -6.36 12.37
N GLN B 310 -14.67 -5.73 12.22
CA GLN B 310 -13.80 -5.99 11.07
C GLN B 310 -12.42 -6.43 11.54
N ASP B 311 -11.98 -7.59 11.07
CA ASP B 311 -10.67 -8.12 11.41
C ASP B 311 -9.56 -7.35 10.71
N ILE B 312 -8.47 -7.10 11.44
CA ILE B 312 -7.33 -6.36 10.91
C ILE B 312 -6.06 -7.20 11.00
N VAL B 313 -5.86 -7.80 12.18
CA VAL B 313 -4.75 -8.70 12.43
C VAL B 313 -5.25 -9.90 13.21
N GLY B 314 -4.85 -11.11 12.80
CA GLY B 314 -5.30 -12.33 13.45
C GLY B 314 -4.86 -12.42 14.90
N ILE B 315 -5.66 -13.11 15.71
CA ILE B 315 -5.37 -13.22 17.14
C ILE B 315 -4.05 -13.93 17.42
N ASN B 316 -3.62 -14.78 16.50
CA ASN B 316 -2.35 -15.49 16.66
C ASN B 316 -1.16 -14.69 16.16
N GLU B 317 -1.38 -13.43 15.83
CA GLU B 317 -0.33 -12.56 15.30
C GLU B 317 -0.10 -11.37 16.22
N TRP B 318 1.15 -10.91 16.28
CA TRP B 318 1.50 -9.80 17.16
C TRP B 318 0.94 -8.47 16.64
N SER B 319 0.44 -7.66 17.57
CA SER B 319 0.07 -6.28 17.25
C SER B 319 0.88 -5.34 18.14
N GLY B 320 0.23 -4.33 18.69
CA GLY B 320 0.92 -3.39 19.55
C GLY B 320 0.21 -2.06 19.62
N TYR B 321 0.97 -0.98 19.57
CA TYR B 321 0.39 0.36 19.59
C TYR B 321 -0.52 0.58 18.38
N SER B 322 -1.50 1.46 18.54
CA SER B 322 -2.33 1.90 17.43
C SER B 322 -2.71 3.35 17.65
N GLY B 323 -3.02 4.06 16.58
CA GLY B 323 -3.33 5.47 16.70
C GLY B 323 -4.14 6.00 15.54
N SER B 324 -4.81 7.12 15.77
CA SER B 324 -5.57 7.76 14.73
C SER B 324 -4.69 8.71 13.93
N PHE B 325 -5.04 8.89 12.67
CA PHE B 325 -4.57 10.04 11.91
C PHE B 325 -5.67 10.44 10.95
N VAL B 326 -5.73 11.72 10.59
CA VAL B 326 -6.81 12.19 9.73
C VAL B 326 -6.27 12.76 8.43
N GLN B 327 -7.14 12.80 7.43
CA GLN B 327 -6.83 13.45 6.17
C GLN B 327 -7.83 14.58 6.01
N HIS B 328 -7.33 15.81 5.95
CA HIS B 328 -8.17 16.98 5.85
C HIS B 328 -8.64 17.17 4.43
N PRO B 329 -9.77 17.87 4.25
CA PRO B 329 -10.33 18.19 2.94
C PRO B 329 -9.30 18.88 2.04
N GLU B 330 -8.39 19.65 2.65
CA GLU B 330 -7.34 20.32 1.89
C GLU B 330 -6.46 19.30 1.17
N LEU B 331 -6.50 18.05 1.64
CA LEU B 331 -5.69 16.98 1.04
C LEU B 331 -6.52 16.07 0.13
N THR B 332 -7.77 15.80 0.53
CA THR B 332 -8.59 14.80 -0.13
C THR B 332 -9.56 15.37 -1.15
N GLY B 333 -9.96 16.61 -0.97
CA GLY B 333 -10.98 17.22 -1.80
C GLY B 333 -12.38 16.89 -1.32
N LEU B 334 -12.46 16.21 -0.18
CA LEU B 334 -13.75 15.88 0.43
C LEU B 334 -14.28 17.09 1.20
N ASP B 335 -15.52 16.99 1.68
CA ASP B 335 -16.14 18.06 2.45
C ASP B 335 -16.21 17.68 3.93
N CYS B 336 -15.40 16.71 4.32
CA CYS B 336 -15.34 16.24 5.70
C CYS B 336 -13.93 15.76 6.02
N ILE B 337 -13.67 15.58 7.32
CA ILE B 337 -12.37 15.09 7.75
C ILE B 337 -12.40 13.57 7.81
N ARG B 338 -11.54 12.94 7.00
CA ARG B 338 -11.51 11.49 6.92
C ARG B 338 -10.67 10.87 8.02
N PRO B 339 -11.22 9.86 8.70
CA PRO B 339 -10.51 9.15 9.76
C PRO B 339 -9.69 8.01 9.17
N CYS B 340 -8.44 7.90 9.60
CA CYS B 340 -7.62 6.74 9.28
C CYS B 340 -6.99 6.27 10.58
N PHE B 341 -6.33 5.11 10.54
CA PHE B 341 -5.61 4.63 11.71
C PHE B 341 -4.43 3.75 11.33
N TRP B 342 -3.45 3.68 12.21
CA TRP B 342 -2.28 2.83 12.00
C TRP B 342 -2.16 1.83 13.14
N VAL B 343 -1.47 0.74 12.87
CA VAL B 343 -1.20 -0.27 13.90
C VAL B 343 0.27 -0.64 13.86
N GLU B 344 0.89 -0.62 15.04
CA GLU B 344 2.28 -1.05 15.18
C GLU B 344 2.29 -2.55 15.44
N LEU B 345 3.09 -3.27 14.67
CA LEU B 345 3.23 -4.70 14.85
C LEU B 345 4.58 -4.99 15.49
N ILE B 346 4.56 -5.23 16.80
CA ILE B 346 5.79 -5.37 17.57
C ILE B 346 6.37 -6.76 17.50
N ARG B 347 7.66 -6.86 17.22
CA ARG B 347 8.36 -8.14 17.20
C ARG B 347 9.55 -8.12 18.15
N GLY B 348 9.89 -9.28 18.71
CA GLY B 348 11.03 -9.37 19.60
C GLY B 348 10.65 -9.46 21.06
N ARG B 349 11.48 -8.88 21.92
CA ARG B 349 11.24 -8.91 23.37
C ARG B 349 10.04 -8.06 23.75
N PRO B 350 9.37 -8.44 24.85
CA PRO B 350 9.80 -9.53 25.72
C PRO B 350 9.25 -10.90 25.35
N LYS B 351 8.27 -10.95 24.45
CA LYS B 351 7.55 -12.20 24.16
C LYS B 351 8.31 -13.15 23.26
N GLU B 352 9.29 -12.64 22.53
CA GLU B 352 10.06 -13.48 21.62
C GLU B 352 11.54 -13.52 21.99
N ASN B 353 12.19 -14.65 21.74
CA ASN B 353 13.57 -14.86 22.16
C ASN B 353 14.61 -14.22 21.25
N THR B 354 14.66 -12.90 21.27
CA THR B 354 15.64 -12.14 20.52
C THR B 354 16.38 -11.21 21.46
N ILE B 355 17.42 -10.56 20.98
CA ILE B 355 18.13 -9.55 21.78
C ILE B 355 17.49 -8.19 21.57
N TRP B 356 16.59 -8.11 20.60
CA TRP B 356 16.06 -6.83 20.15
C TRP B 356 14.53 -6.76 20.19
N THR B 357 14.02 -5.53 20.10
CA THR B 357 12.60 -5.27 19.92
C THR B 357 12.44 -4.23 18.82
N SER B 358 11.52 -4.48 17.90
CA SER B 358 11.25 -3.54 16.83
C SER B 358 9.88 -3.82 16.23
N GLY B 359 9.33 -2.86 15.50
CA GLY B 359 8.01 -3.02 14.93
C GLY B 359 7.92 -2.61 13.47
N SER B 360 6.93 -3.15 12.77
CA SER B 360 6.56 -2.65 11.45
C SER B 360 5.20 -2.00 11.60
N SER B 361 4.60 -1.58 10.49
CA SER B 361 3.30 -0.92 10.59
C SER B 361 2.36 -1.24 9.44
N ILE B 362 1.07 -1.08 9.71
CA ILE B 362 0.05 -1.11 8.68
C ILE B 362 -0.88 0.07 8.96
N SER B 363 -1.58 0.53 7.94
CA SER B 363 -2.55 1.60 8.13
C SER B 363 -3.78 1.38 7.27
N PHE B 364 -4.89 1.97 7.70
CA PHE B 364 -6.18 1.86 7.01
C PHE B 364 -6.85 3.22 7.00
N CYS B 365 -7.74 3.45 6.05
CA CYS B 365 -8.55 4.66 6.03
C CYS B 365 -10.03 4.32 5.91
N GLY B 366 -10.87 5.12 6.57
CA GLY B 366 -12.29 4.87 6.59
C GLY B 366 -12.96 5.19 5.27
N VAL B 367 -13.84 4.31 4.82
CA VAL B 367 -14.58 4.50 3.58
C VAL B 367 -16.04 4.10 3.77
N ASN B 368 -16.87 4.44 2.80
CA ASN B 368 -18.27 4.04 2.81
C ASN B 368 -18.58 3.04 1.71
N SER B 369 -17.55 2.60 1.00
CA SER B 369 -17.69 1.56 0.00
C SER B 369 -17.39 0.20 0.62
N ASP B 370 -17.43 -0.85 -0.18
CA ASP B 370 -17.23 -2.22 0.33
C ASP B 370 -15.82 -2.44 0.86
N THR B 371 -15.73 -3.15 1.98
CA THR B 371 -14.45 -3.49 2.58
C THR B 371 -14.46 -4.95 3.02
N VAL B 372 -13.31 -5.43 3.48
CA VAL B 372 -13.21 -6.82 3.93
C VAL B 372 -12.25 -6.96 5.11
N GLY B 373 -12.58 -7.86 6.02
CA GLY B 373 -11.70 -8.18 7.12
C GLY B 373 -10.68 -9.22 6.69
N TRP B 374 -9.50 -9.16 7.28
CA TRP B 374 -8.45 -10.13 6.99
C TRP B 374 -7.39 -10.04 8.08
N SER B 375 -6.20 -10.57 7.80
CA SER B 375 -5.08 -10.41 8.69
C SER B 375 -3.84 -9.99 7.90
N TRP B 376 -3.31 -8.82 8.22
CA TRP B 376 -2.09 -8.31 7.59
C TRP B 376 -1.00 -8.19 8.66
N PRO B 377 -0.40 -9.32 9.05
CA PRO B 377 0.57 -9.40 10.13
C PRO B 377 1.96 -8.92 9.72
N ASP B 378 2.88 -8.87 10.68
CA ASP B 378 4.25 -8.46 10.42
C ASP B 378 4.91 -9.39 9.39
N GLY B 379 4.87 -10.68 9.67
CA GLY B 379 5.34 -11.68 8.72
C GLY B 379 6.80 -12.06 8.81
N ALA B 380 7.53 -11.47 9.73
CA ALA B 380 8.95 -11.79 9.89
C ALA B 380 9.16 -13.13 10.59
N GLU B 381 10.22 -13.83 10.21
CA GLU B 381 10.60 -15.08 10.86
C GLU B 381 11.72 -14.85 11.87
N LEU B 382 11.39 -15.00 13.15
CA LEU B 382 12.36 -14.84 14.22
C LEU B 382 12.79 -16.20 14.77
N PRO B 383 13.98 -16.27 15.36
CA PRO B 383 14.90 -15.14 15.54
C PRO B 383 15.68 -14.81 14.27
N PHE B 384 16.50 -13.77 14.35
CA PHE B 384 17.35 -13.36 13.23
C PHE B 384 18.78 -13.88 13.43
N THR B 385 19.63 -13.65 12.44
CA THR B 385 21.01 -14.11 12.49
C THR B 385 21.78 -13.57 13.69
N ILE B 386 21.48 -12.33 14.06
CA ILE B 386 22.12 -11.71 15.22
C ILE B 386 21.51 -12.30 16.48
N ASP B 387 20.32 -12.89 16.31
CA ASP B 387 19.46 -13.33 17.40
C ASP B 387 18.29 -12.35 17.56
#